data_1Z9N
#
_entry.id   1Z9N
#
_cell.length_a   37.320
_cell.length_b   65.900
_cell.length_c   69.540
_cell.angle_alpha   66.59
_cell.angle_beta   89.87
_cell.angle_gamma   76.03
#
_symmetry.space_group_name_H-M   'P 1'
#
loop_
_entity.id
_entity.type
_entity.pdbx_description
1 polymer 'Superoxide dismutase [Cu-Zn]'
2 non-polymer 'COPPER (II) ION'
3 non-polymer 'ZINC ION'
4 non-polymer 'PROTOPORPHYRIN IX CONTAINING FE'
5 water water
#
_entity_poly.entity_id   1
_entity_poly.type   'polypeptide(L)'
_entity_poly.pdbx_seq_one_letter_code
;HGDHMHNHDTKMDTMSKDMMSMEKIVVPVQQLDPQNGNKDVGTVEITESAYGLVFTPKLHDLAHGLHGFHIHEKPSCEPK
EKDGKLVAGLGAGGHWDPKQTQKHGYPWSDDAHMGDLPALFVMHDGSATTPVLAPRLKKLAEVKGHSLMIHAGGDNHSDH
PAPLGGGGPRMACGVIK
;
_entity_poly.pdbx_strand_id   A,B,C,D
#
loop_
_chem_comp.id
_chem_comp.type
_chem_comp.name
_chem_comp.formula
CU non-polymer 'COPPER (II) ION' 'Cu 2'
HEM non-polymer 'PROTOPORPHYRIN IX CONTAINING FE' 'C34 H32 Fe N4 O4'
ZN non-polymer 'ZINC ION' 'Zn 2'
#
# COMPACT_ATOMS: atom_id res chain seq x y z
N GLU A 23 22.17 12.06 -41.55
CA GLU A 23 21.24 12.28 -42.69
C GLU A 23 19.80 12.29 -42.15
N LYS A 24 18.92 12.99 -42.85
CA LYS A 24 17.50 12.87 -42.59
C LYS A 24 16.78 13.01 -43.90
N ILE A 25 15.55 12.50 -43.95
CA ILE A 25 14.64 12.77 -45.06
C ILE A 25 13.51 13.60 -44.53
N VAL A 26 13.26 14.74 -45.16
CA VAL A 26 12.14 15.59 -44.81
C VAL A 26 11.05 15.34 -45.83
N VAL A 27 9.97 14.69 -45.39
CA VAL A 27 8.85 14.35 -46.27
C VAL A 27 7.80 15.45 -46.17
N PRO A 28 7.54 16.17 -47.25
CA PRO A 28 6.45 17.13 -47.27
C PRO A 28 5.12 16.43 -47.41
N VAL A 29 4.17 16.79 -46.56
CA VAL A 29 2.89 16.11 -46.47
C VAL A 29 1.75 17.09 -46.80
N GLN A 30 0.84 16.59 -47.63
CA GLN A 30 -0.38 17.29 -47.95
C GLN A 30 -1.60 16.48 -47.52
N GLN A 31 -2.59 17.19 -46.99
CA GLN A 31 -3.94 16.68 -46.86
C GLN A 31 -4.59 16.58 -48.24
N LEU A 32 -5.18 15.44 -48.56
CA LEU A 32 -5.61 15.16 -49.94
C LEU A 32 -7.06 15.55 -50.18
N ASP A 33 -7.27 16.33 -51.24
CA ASP A 33 -8.63 16.66 -51.68
C ASP A 33 -8.60 16.80 -53.20
N PRO A 34 -8.91 15.72 -53.92
CA PRO A 34 -8.87 15.73 -55.38
C PRO A 34 -9.84 16.71 -56.05
N GLN A 35 -10.85 17.19 -55.33
CA GLN A 35 -11.87 18.08 -55.93
C GLN A 35 -11.56 19.54 -55.68
N ASN A 36 -11.21 19.87 -54.43
CA ASN A 36 -11.01 21.26 -54.03
C ASN A 36 -9.55 21.66 -53.87
N GLY A 37 -8.64 20.69 -53.97
CA GLY A 37 -7.21 20.96 -53.95
C GLY A 37 -6.56 20.55 -52.63
N ASN A 38 -5.38 19.96 -52.74
CA ASN A 38 -4.65 19.52 -51.54
C ASN A 38 -4.24 20.71 -50.67
N LYS A 39 -3.97 20.42 -49.39
CA LYS A 39 -3.55 21.44 -48.43
C LYS A 39 -2.23 21.01 -47.78
N ASP A 40 -1.27 21.93 -47.68
CA ASP A 40 -0.01 21.64 -47.02
C ASP A 40 -0.26 21.53 -45.52
N VAL A 41 0.26 20.47 -44.90
CA VAL A 41 0.02 20.21 -43.49
C VAL A 41 1.31 19.94 -42.72
N GLY A 42 2.44 20.30 -43.28
CA GLY A 42 3.75 20.10 -42.62
C GLY A 42 4.60 19.01 -43.19
N THR A 43 5.42 18.40 -42.31
CA THR A 43 6.40 17.44 -42.75
C THR A 43 6.43 16.25 -41.81
N VAL A 44 7.03 15.16 -42.28
CA VAL A 44 7.47 14.10 -41.37
C VAL A 44 8.96 13.94 -41.64
N GLU A 45 9.77 13.95 -40.58
CA GLU A 45 11.19 13.75 -40.69
C GLU A 45 11.52 12.31 -40.41
N ILE A 46 12.30 11.67 -41.30
CA ILE A 46 12.77 10.32 -41.07
C ILE A 46 14.25 10.36 -40.75
N THR A 47 14.60 9.72 -39.65
CA THR A 47 16.01 9.63 -39.22
C THR A 47 16.32 8.22 -38.85
N GLU A 48 17.62 7.94 -38.73
CA GLU A 48 18.11 6.62 -38.33
C GLU A 48 18.41 6.63 -36.86
N SER A 49 17.79 5.73 -36.11
CA SER A 49 18.20 5.44 -34.75
C SER A 49 19.05 4.20 -34.77
N ALA A 50 19.62 3.88 -33.61
CA ALA A 50 20.37 2.62 -33.46
C ALA A 50 19.49 1.40 -33.49
N TYR A 51 18.16 1.58 -33.56
CA TYR A 51 17.21 0.47 -33.50
C TYR A 51 16.19 0.51 -34.66
N GLY A 52 16.44 1.32 -35.66
CA GLY A 52 15.56 1.44 -36.84
C GLY A 52 15.21 2.87 -37.16
N LEU A 53 14.43 3.07 -38.21
CA LEU A 53 14.08 4.40 -38.65
C LEU A 53 12.99 4.98 -37.75
N VAL A 54 13.17 6.26 -37.46
CA VAL A 54 12.24 7.04 -36.63
C VAL A 54 11.54 8.03 -37.53
N PHE A 55 10.21 8.05 -37.40
CA PHE A 55 9.35 8.94 -38.17
C PHE A 55 8.84 9.99 -37.20
N THR A 56 9.30 11.23 -37.37
CA THR A 56 8.95 12.33 -36.45
C THR A 56 8.01 13.32 -37.13
N PRO A 57 6.73 13.29 -36.81
CA PRO A 57 5.85 14.22 -37.49
C PRO A 57 6.00 15.63 -36.97
N LYS A 58 5.76 16.57 -37.88
CA LYS A 58 5.60 17.98 -37.58
C LYS A 58 4.41 18.47 -38.43
N LEU A 59 3.22 18.03 -38.05
CA LEU A 59 2.04 18.22 -38.86
C LEU A 59 1.03 19.10 -38.14
N HIS A 60 0.21 19.80 -38.94
CA HIS A 60 -0.84 20.64 -38.39
C HIS A 60 -2.12 20.51 -39.26
N ASP A 61 -3.22 20.92 -38.66
CA ASP A 61 -4.51 20.99 -39.34
C ASP A 61 -5.00 19.68 -39.89
N LEU A 62 -4.73 18.59 -39.16
CA LEU A 62 -5.30 17.29 -39.50
C LEU A 62 -6.41 16.86 -38.54
N ALA A 63 -7.18 15.86 -38.94
CA ALA A 63 -8.27 15.35 -38.07
C ALA A 63 -7.67 14.64 -36.87
N HIS A 64 -8.15 15.00 -35.70
CA HIS A 64 -7.77 14.39 -34.42
C HIS A 64 -8.13 12.90 -34.38
N GLY A 65 -7.20 12.10 -33.86
CA GLY A 65 -7.43 10.67 -33.69
C GLY A 65 -6.13 9.93 -33.90
N LEU A 66 -6.18 8.61 -33.74
CA LEU A 66 -5.01 7.77 -33.97
C LEU A 66 -5.20 7.17 -35.34
N HIS A 67 -4.25 7.42 -36.24
CA HIS A 67 -4.38 7.14 -37.68
C HIS A 67 -3.45 6.09 -38.24
N GLY A 68 -3.94 5.22 -39.14
CA GLY A 68 -3.04 4.33 -39.86
C GLY A 68 -1.98 5.14 -40.62
N PHE A 69 -0.78 4.61 -40.63
CA PHE A 69 0.44 5.27 -41.07
C PHE A 69 1.31 4.22 -41.69
N HIS A 70 1.40 4.24 -43.03
CA HIS A 70 2.15 3.23 -43.75
C HIS A 70 2.91 3.81 -44.92
N ILE A 71 3.99 3.11 -45.30
CA ILE A 71 4.67 3.37 -46.53
C ILE A 71 3.93 2.59 -47.63
N HIS A 72 3.58 3.29 -48.71
CA HIS A 72 2.94 2.66 -49.86
C HIS A 72 3.93 2.51 -51.00
N GLU A 73 3.58 1.69 -51.98
CA GLU A 73 4.53 1.25 -53.00
C GLU A 73 5.06 2.35 -53.91
N LYS A 74 4.16 3.16 -54.45
CA LYS A 74 4.55 4.08 -55.52
C LYS A 74 4.91 5.45 -54.97
N PRO A 75 5.91 6.12 -55.55
CA PRO A 75 6.26 7.47 -55.12
C PRO A 75 5.34 8.49 -55.74
N SER A 76 4.09 8.42 -55.35
CA SER A 76 3.08 9.32 -55.85
C SER A 76 1.98 9.48 -54.83
N CYS A 77 1.41 10.67 -54.76
CA CYS A 77 0.24 10.93 -53.92
C CYS A 77 -0.94 11.29 -54.80
N GLU A 78 -0.86 10.95 -56.10
CA GLU A 78 -1.92 11.34 -57.05
C GLU A 78 -3.18 10.51 -56.77
N PRO A 79 -4.36 11.03 -57.15
CA PRO A 79 -5.57 10.26 -57.06
C PRO A 79 -5.64 9.29 -58.23
N LYS A 80 -6.59 8.37 -58.16
CA LYS A 80 -6.83 7.46 -59.28
C LYS A 80 -8.31 7.19 -59.33
N GLU A 81 -8.85 7.03 -60.53
CA GLU A 81 -10.27 6.76 -60.68
C GLU A 81 -10.55 5.31 -60.33
N LYS A 82 -11.64 5.11 -59.57
CA LYS A 82 -12.18 3.80 -59.26
C LYS A 82 -13.71 3.90 -59.21
N ASP A 83 -14.40 3.11 -60.05
CA ASP A 83 -15.87 3.05 -60.04
C ASP A 83 -16.52 4.40 -60.17
N GLY A 84 -16.15 5.13 -61.22
CA GLY A 84 -16.72 6.45 -61.46
C GLY A 84 -16.66 7.32 -60.21
N LYS A 85 -15.46 7.46 -59.66
CA LYS A 85 -15.16 8.45 -58.63
C LYS A 85 -13.65 8.55 -58.50
N LEU A 86 -13.17 9.78 -58.30
CA LEU A 86 -11.75 10.03 -58.20
C LEU A 86 -11.36 9.83 -56.74
N VAL A 87 -10.56 8.80 -56.46
CA VAL A 87 -10.23 8.43 -55.09
C VAL A 87 -8.89 9.06 -54.66
N ALA A 88 -8.95 9.87 -53.62
CA ALA A 88 -7.76 10.49 -53.03
C ALA A 88 -6.65 9.47 -52.73
N GLY A 89 -5.45 9.76 -53.20
CA GLY A 89 -4.25 9.01 -52.83
C GLY A 89 -4.08 7.64 -53.45
N LEU A 90 -5.06 7.22 -54.26
CA LEU A 90 -5.05 5.88 -54.77
C LEU A 90 -3.88 5.61 -55.72
N GLY A 91 -3.33 6.67 -56.31
CA GLY A 91 -2.13 6.56 -57.14
C GLY A 91 -0.87 6.06 -56.44
N ALA A 92 -0.86 6.13 -55.11
CA ALA A 92 0.24 5.57 -54.31
C ALA A 92 0.30 4.04 -54.31
N GLY A 93 -0.77 3.41 -54.76
CA GLY A 93 -0.84 1.96 -54.78
C GLY A 93 -1.01 1.39 -53.39
N GLY A 94 -0.59 0.14 -53.23
CA GLY A 94 -0.84 -0.61 -52.02
C GLY A 94 0.24 -0.38 -50.99
N HIS A 95 0.10 -1.05 -49.88
CA HIS A 95 1.15 -0.99 -48.86
C HIS A 95 2.45 -1.52 -49.46
N TRP A 96 3.56 -0.86 -49.12
CA TRP A 96 4.87 -1.30 -49.58
C TRP A 96 5.17 -2.68 -49.03
N ASP A 97 5.37 -3.65 -49.95
CA ASP A 97 5.43 -5.06 -49.61
C ASP A 97 6.50 -5.80 -50.43
N PRO A 98 7.76 -5.37 -50.30
CA PRO A 98 8.84 -5.96 -51.10
C PRO A 98 9.04 -7.44 -50.88
N LYS A 99 8.64 -7.95 -49.72
CA LYS A 99 8.79 -9.36 -49.39
C LYS A 99 7.54 -10.15 -49.72
N GLN A 100 6.53 -9.46 -50.24
CA GLN A 100 5.32 -10.10 -50.71
C GLN A 100 4.66 -10.99 -49.64
N THR A 101 4.53 -10.46 -48.41
CA THR A 101 3.79 -11.18 -47.38
C THR A 101 2.30 -11.20 -47.70
N GLN A 102 1.82 -10.19 -48.38
CA GLN A 102 0.42 -10.02 -48.69
C GLN A 102 -0.45 -10.06 -47.42
N LYS A 103 0.13 -9.55 -46.33
CA LYS A 103 -0.53 -9.53 -45.04
C LYS A 103 -0.14 -8.23 -44.33
N HIS A 104 -1.14 -7.52 -43.88
CA HIS A 104 -0.94 -6.32 -43.04
C HIS A 104 -0.69 -6.76 -41.60
N GLY A 105 0.26 -6.14 -40.93
CA GLY A 105 0.58 -6.57 -39.57
C GLY A 105 1.28 -5.54 -38.71
N TYR A 106 1.93 -6.01 -37.68
CA TYR A 106 2.61 -5.15 -36.71
C TYR A 106 3.96 -4.70 -37.26
N PRO A 107 4.47 -3.55 -36.82
CA PRO A 107 5.76 -3.08 -37.29
C PRO A 107 6.94 -3.95 -36.92
N TRP A 108 6.77 -4.75 -35.87
CA TRP A 108 7.79 -5.70 -35.37
C TRP A 108 7.59 -7.15 -35.82
N SER A 109 6.66 -7.36 -36.75
CA SER A 109 6.41 -8.70 -37.30
C SER A 109 7.00 -8.87 -38.69
N ASP A 110 7.76 -9.95 -38.88
CA ASP A 110 8.34 -10.24 -40.19
C ASP A 110 7.33 -10.75 -41.17
N ASP A 111 6.11 -11.01 -40.74
CA ASP A 111 5.03 -11.39 -41.66
C ASP A 111 4.18 -10.22 -42.10
N ALA A 112 4.57 -9.02 -41.69
CA ALA A 112 3.83 -7.82 -42.07
C ALA A 112 4.46 -7.13 -43.27
N HIS A 113 3.67 -6.35 -44.00
CA HIS A 113 4.23 -5.51 -45.03
C HIS A 113 5.40 -4.67 -44.49
N MET A 114 6.47 -4.53 -45.26
CA MET A 114 7.59 -3.72 -44.80
C MET A 114 7.18 -2.28 -44.51
N GLY A 115 6.13 -1.80 -45.18
CA GLY A 115 5.66 -0.47 -44.96
C GLY A 115 4.80 -0.19 -43.74
N ASP A 116 4.52 -1.21 -42.93
CA ASP A 116 3.63 -1.07 -41.78
C ASP A 116 4.31 -0.39 -40.60
N LEU A 117 3.87 0.83 -40.29
CA LEU A 117 4.42 1.64 -39.21
C LEU A 117 3.46 1.70 -38.03
N PRO A 118 3.92 2.10 -36.85
CA PRO A 118 2.97 2.36 -35.78
C PRO A 118 2.03 3.48 -36.19
N ALA A 119 0.84 3.48 -35.62
CA ALA A 119 -0.14 4.51 -35.92
C ALA A 119 0.32 5.90 -35.44
N LEU A 120 -0.20 6.90 -36.14
CA LEU A 120 0.22 8.28 -36.01
C LEU A 120 -0.86 9.03 -35.25
N PHE A 121 -0.48 9.66 -34.14
CA PHE A 121 -1.47 10.36 -33.30
C PHE A 121 -1.57 11.85 -33.63
N VAL A 122 -2.79 12.29 -33.92
CA VAL A 122 -3.08 13.72 -34.12
C VAL A 122 -3.87 14.17 -32.91
N MET A 123 -3.32 15.12 -32.18
CA MET A 123 -3.99 15.59 -30.97
C MET A 123 -5.21 16.46 -31.27
N HIS A 124 -5.90 16.85 -30.20
CA HIS A 124 -7.21 17.49 -30.36
C HIS A 124 -7.12 18.80 -31.13
N ASP A 125 -5.94 19.45 -31.09
CA ASP A 125 -5.72 20.68 -31.86
C ASP A 125 -5.29 20.50 -33.31
N GLY A 126 -5.29 19.25 -33.79
CA GLY A 126 -4.97 18.97 -35.18
C GLY A 126 -3.48 18.78 -35.50
N SER A 127 -2.67 18.85 -34.47
CA SER A 127 -1.22 18.74 -34.59
C SER A 127 -0.76 17.30 -34.35
N ALA A 128 0.31 16.91 -35.04
CA ALA A 128 0.95 15.60 -34.82
C ALA A 128 2.43 15.83 -34.63
N THR A 129 2.96 15.39 -33.48
CA THR A 129 4.37 15.59 -33.13
C THR A 129 4.96 14.37 -32.42
N THR A 130 4.26 13.23 -32.41
CA THR A 130 4.70 12.07 -31.62
C THR A 130 5.50 11.10 -32.50
N PRO A 131 6.81 10.94 -32.25
CA PRO A 131 7.57 10.07 -33.16
C PRO A 131 7.25 8.59 -32.91
N VAL A 132 7.45 7.81 -33.96
CA VAL A 132 7.28 6.37 -33.94
C VAL A 132 8.47 5.67 -34.60
N LEU A 133 8.73 4.45 -34.18
CA LEU A 133 9.86 3.65 -34.67
C LEU A 133 9.36 2.54 -35.60
N ALA A 134 10.08 2.33 -36.71
CA ALA A 134 9.88 1.17 -37.56
C ALA A 134 11.16 0.30 -37.44
N PRO A 135 11.16 -0.70 -36.56
CA PRO A 135 12.41 -1.38 -36.23
C PRO A 135 12.98 -2.18 -37.38
N ARG A 136 12.16 -2.58 -38.33
CA ARG A 136 12.64 -3.43 -39.41
C ARG A 136 13.39 -2.66 -40.46
N LEU A 137 13.22 -1.34 -40.50
CA LEU A 137 13.84 -0.48 -41.48
C LEU A 137 15.08 0.11 -40.82
N LYS A 138 16.25 -0.07 -41.45
CA LYS A 138 17.49 0.34 -40.81
C LYS A 138 18.18 1.57 -41.41
N LYS A 139 18.02 1.79 -42.70
CA LYS A 139 18.75 2.84 -43.41
C LYS A 139 17.79 3.64 -44.27
N LEU A 140 18.04 4.94 -44.35
CA LEU A 140 17.18 5.86 -45.09
C LEU A 140 17.03 5.48 -46.56
N ALA A 141 18.10 4.94 -47.15
CA ALA A 141 18.01 4.54 -48.54
C ALA A 141 16.89 3.54 -48.79
N GLU A 142 16.57 2.69 -47.80
CA GLU A 142 15.53 1.66 -47.98
C GLU A 142 14.18 2.24 -48.37
N VAL A 143 13.83 3.43 -47.88
CA VAL A 143 12.47 3.92 -48.01
C VAL A 143 12.29 4.94 -49.12
N LYS A 144 13.39 5.33 -49.78
CA LYS A 144 13.29 6.32 -50.85
C LYS A 144 12.65 5.64 -52.06
N GLY A 145 11.84 6.43 -52.77
CA GLY A 145 11.11 5.96 -53.95
C GLY A 145 9.73 5.41 -53.62
N HIS A 146 9.18 5.81 -52.47
CA HIS A 146 7.90 5.29 -51.99
C HIS A 146 7.08 6.46 -51.48
N SER A 147 5.87 6.21 -50.97
CA SER A 147 5.03 7.25 -50.44
C SER A 147 4.69 6.98 -48.97
N LEU A 148 4.47 8.06 -48.22
CA LEU A 148 4.10 7.99 -46.81
C LEU A 148 2.65 8.41 -46.67
N MET A 149 1.84 7.52 -46.14
CA MET A 149 0.39 7.73 -46.15
C MET A 149 -0.16 7.78 -44.72
N ILE A 150 -1.06 8.71 -44.46
CA ILE A 150 -1.83 8.79 -43.24
C ILE A 150 -3.30 8.63 -43.61
N HIS A 151 -3.95 7.69 -42.94
CA HIS A 151 -5.33 7.36 -43.25
C HIS A 151 -6.30 8.07 -42.34
N ALA A 152 -7.55 8.11 -42.76
CA ALA A 152 -8.62 8.62 -41.91
C ALA A 152 -8.93 7.75 -40.68
N GLY A 153 -8.93 6.43 -40.87
CA GLY A 153 -9.12 5.48 -39.79
C GLY A 153 -7.83 5.11 -39.06
N GLY A 154 -7.97 4.17 -38.13
CA GLY A 154 -6.89 3.72 -37.28
C GLY A 154 -6.11 2.60 -37.92
N ASP A 155 -5.47 1.81 -37.06
CA ASP A 155 -4.72 0.65 -37.48
C ASP A 155 -4.66 -0.34 -36.34
N ASN A 156 -5.41 -1.43 -36.48
CA ASN A 156 -5.28 -2.55 -35.53
C ASN A 156 -4.20 -3.58 -35.92
N HIS A 157 -3.43 -3.30 -36.98
CA HIS A 157 -2.32 -4.12 -37.44
C HIS A 157 -2.75 -5.55 -37.82
N SER A 158 -3.95 -5.63 -38.37
CA SER A 158 -4.48 -6.87 -38.91
C SER A 158 -5.30 -6.55 -40.15
N ASP A 159 -5.56 -7.59 -40.94
CA ASP A 159 -6.50 -7.44 -42.04
C ASP A 159 -7.95 -7.78 -41.67
N HIS A 160 -8.18 -8.06 -40.39
CA HIS A 160 -9.49 -8.31 -39.85
C HIS A 160 -9.66 -7.50 -38.60
N PRO A 161 -10.86 -7.01 -38.34
CA PRO A 161 -12.06 -7.23 -39.18
C PRO A 161 -12.16 -6.38 -40.43
N ALA A 162 -11.28 -5.39 -40.59
CA ALA A 162 -11.20 -4.59 -41.82
C ALA A 162 -9.84 -4.74 -42.47
N PRO A 163 -9.79 -4.81 -43.79
CA PRO A 163 -8.52 -4.93 -44.46
C PRO A 163 -7.58 -3.79 -44.09
N LEU A 164 -6.28 -4.10 -44.12
CA LEU A 164 -5.24 -3.09 -44.02
C LEU A 164 -5.37 -2.28 -42.74
N GLY A 165 -5.78 -2.95 -41.67
CA GLY A 165 -5.85 -2.27 -40.36
C GLY A 165 -7.06 -1.44 -40.07
N GLY A 166 -7.95 -1.29 -41.04
CA GLY A 166 -9.08 -0.37 -40.93
C GLY A 166 -8.73 1.08 -41.21
N GLY A 167 -7.61 1.28 -41.90
CA GLY A 167 -7.20 2.63 -42.29
C GLY A 167 -8.26 3.38 -43.10
N GLY A 168 -8.81 2.68 -44.09
CA GLY A 168 -9.84 3.29 -44.91
C GLY A 168 -9.24 4.37 -45.77
N PRO A 169 -9.97 5.45 -45.95
CA PRO A 169 -9.57 6.50 -46.88
C PRO A 169 -8.19 7.07 -46.56
N ARG A 170 -7.57 7.59 -47.60
CA ARG A 170 -6.25 8.20 -47.51
C ARG A 170 -6.42 9.69 -47.27
N MET A 171 -6.05 10.14 -46.07
CA MET A 171 -6.26 11.49 -45.62
C MET A 171 -5.13 12.45 -45.99
N ALA A 172 -3.89 11.99 -45.87
CA ALA A 172 -2.73 12.81 -46.14
C ALA A 172 -1.57 11.94 -46.66
N CYS A 173 -0.68 12.54 -47.43
CA CYS A 173 0.34 11.80 -48.15
C CYS A 173 1.55 12.68 -48.50
N GLY A 174 2.72 12.06 -48.50
CA GLY A 174 3.91 12.68 -49.08
C GLY A 174 4.82 11.67 -49.72
N VAL A 175 5.63 12.12 -50.67
CA VAL A 175 6.57 11.27 -51.37
C VAL A 175 7.90 11.24 -50.63
N ILE A 176 8.40 10.04 -50.42
CA ILE A 176 9.68 9.85 -49.73
C ILE A 176 10.79 9.74 -50.79
N LYS A 177 11.77 10.64 -50.73
CA LYS A 177 12.87 10.60 -51.70
C LYS A 177 14.14 11.23 -51.21
N GLU B 23 4.75 -17.55 -25.24
CA GLU B 23 5.10 -17.27 -23.81
C GLU B 23 4.97 -15.80 -23.51
N LYS B 24 4.32 -15.45 -22.41
CA LYS B 24 4.09 -14.03 -22.11
C LYS B 24 4.12 -13.78 -20.62
N ILE B 25 4.29 -12.53 -20.22
CA ILE B 25 4.02 -12.13 -18.86
C ILE B 25 2.69 -11.39 -18.91
N VAL B 26 1.75 -11.83 -18.09
CA VAL B 26 0.49 -11.11 -17.90
C VAL B 26 0.64 -10.22 -16.68
N VAL B 27 0.62 -8.90 -16.88
CA VAL B 27 0.76 -7.95 -15.77
C VAL B 27 -0.64 -7.47 -15.39
N PRO B 28 -1.11 -7.74 -14.15
CA PRO B 28 -2.39 -7.22 -13.71
C PRO B 28 -2.19 -5.76 -13.32
N VAL B 29 -3.12 -4.92 -13.73
CA VAL B 29 -2.98 -3.49 -13.53
C VAL B 29 -4.18 -2.96 -12.73
N GLN B 30 -3.87 -2.07 -11.79
CA GLN B 30 -4.88 -1.37 -11.04
C GLN B 30 -4.76 0.14 -11.19
N GLN B 31 -5.91 0.81 -11.26
CA GLN B 31 -5.96 2.26 -11.12
C GLN B 31 -5.72 2.56 -9.64
N LEU B 32 -4.84 3.52 -9.36
CA LEU B 32 -4.39 3.81 -8.01
C LEU B 32 -5.21 4.89 -7.34
N ASP B 33 -5.75 4.57 -6.16
CA ASP B 33 -6.48 5.53 -5.35
C ASP B 33 -6.36 5.09 -3.90
N PRO B 34 -5.35 5.62 -3.21
CA PRO B 34 -5.11 5.25 -1.80
C PRO B 34 -6.30 5.56 -0.88
N GLN B 35 -7.01 6.64 -1.17
CA GLN B 35 -8.14 7.04 -0.35
C GLN B 35 -9.37 6.16 -0.52
N ASN B 36 -9.81 5.97 -1.78
CA ASN B 36 -11.08 5.31 -2.07
C ASN B 36 -10.93 3.85 -2.42
N GLY B 37 -9.70 3.42 -2.66
CA GLY B 37 -9.44 2.04 -3.00
C GLY B 37 -9.08 1.94 -4.49
N ASN B 38 -8.08 1.12 -4.76
CA ASN B 38 -7.71 0.83 -6.15
C ASN B 38 -8.84 0.17 -6.90
N LYS B 39 -8.82 0.31 -8.23
CA LYS B 39 -9.77 -0.37 -9.12
C LYS B 39 -9.04 -1.24 -10.13
N ASP B 40 -9.58 -2.43 -10.37
CA ASP B 40 -9.02 -3.31 -11.39
C ASP B 40 -9.37 -2.77 -12.77
N VAL B 41 -8.36 -2.67 -13.64
CA VAL B 41 -8.54 -2.12 -14.97
C VAL B 41 -7.97 -3.03 -16.07
N GLY B 42 -7.69 -4.31 -15.77
CA GLY B 42 -7.23 -5.21 -16.79
C GLY B 42 -5.78 -5.63 -16.66
N THR B 43 -5.19 -5.94 -17.81
CA THR B 43 -3.84 -6.44 -17.86
C THR B 43 -3.06 -5.76 -18.98
N VAL B 44 -1.75 -5.92 -18.91
CA VAL B 44 -0.85 -5.66 -20.03
C VAL B 44 -0.09 -6.94 -20.24
N GLU B 45 -0.06 -7.43 -21.49
CA GLU B 45 0.75 -8.61 -21.81
C GLU B 45 2.07 -8.24 -22.38
N ILE B 46 3.14 -8.83 -21.88
CA ILE B 46 4.48 -8.60 -22.42
C ILE B 46 4.92 -9.84 -23.18
N THR B 47 5.34 -9.65 -24.41
CA THR B 47 5.87 -10.74 -25.25
C THR B 47 7.14 -10.33 -25.92
N GLU B 48 7.91 -11.33 -26.34
CA GLU B 48 9.12 -11.11 -27.13
C GLU B 48 8.79 -11.08 -28.61
N SER B 49 9.36 -10.12 -29.31
CA SER B 49 9.36 -10.08 -30.77
C SER B 49 10.80 -10.16 -31.22
N ALA B 50 10.97 -10.28 -32.52
CA ALA B 50 12.32 -10.28 -33.07
C ALA B 50 13.03 -8.94 -32.93
N TYR B 51 12.27 -7.88 -32.56
CA TYR B 51 12.81 -6.53 -32.48
C TYR B 51 12.66 -5.90 -31.09
N GLY B 52 12.35 -6.71 -30.10
CA GLY B 52 12.28 -6.27 -28.71
C GLY B 52 10.99 -6.66 -28.05
N LEU B 53 10.84 -6.26 -26.79
CA LEU B 53 9.63 -6.59 -26.07
C LEU B 53 8.43 -5.79 -26.49
N VAL B 54 7.30 -6.46 -26.61
CA VAL B 54 6.02 -5.83 -27.00
C VAL B 54 5.13 -5.81 -25.76
N PHE B 55 4.53 -4.65 -25.50
CA PHE B 55 3.63 -4.42 -24.40
C PHE B 55 2.24 -4.23 -25.03
N THR B 56 1.41 -5.24 -24.88
CA THR B 56 0.07 -5.23 -25.42
C THR B 56 -0.97 -4.98 -24.34
N PRO B 57 -1.54 -3.77 -24.28
CA PRO B 57 -2.51 -3.50 -23.22
C PRO B 57 -3.85 -4.14 -23.52
N LYS B 58 -4.50 -4.55 -22.45
CA LYS B 58 -5.88 -5.02 -22.43
C LYS B 58 -6.57 -4.35 -21.23
N LEU B 59 -6.65 -3.01 -21.31
CA LEU B 59 -7.09 -2.20 -20.19
C LEU B 59 -8.43 -1.55 -20.47
N HIS B 60 -9.13 -1.24 -19.39
CA HIS B 60 -10.44 -0.61 -19.50
C HIS B 60 -10.66 0.36 -18.35
N ASP B 61 -11.59 1.28 -18.59
CA ASP B 61 -12.04 2.26 -17.62
C ASP B 61 -10.96 3.16 -17.08
N LEU B 62 -9.99 3.50 -17.94
CA LEU B 62 -8.99 4.50 -17.59
C LEU B 62 -9.30 5.87 -18.17
N ALA B 63 -8.69 6.91 -17.62
CA ALA B 63 -8.82 8.27 -18.14
C ALA B 63 -8.23 8.35 -19.53
N HIS B 64 -8.96 8.93 -20.47
CA HIS B 64 -8.55 9.00 -21.85
C HIS B 64 -7.31 9.88 -22.00
N GLY B 65 -6.55 9.62 -23.06
CA GLY B 65 -5.41 10.45 -23.36
C GLY B 65 -4.19 9.62 -23.75
N LEU B 66 -3.15 10.31 -24.15
CA LEU B 66 -1.81 9.74 -24.38
C LEU B 66 -1.09 9.82 -23.04
N HIS B 67 -0.76 8.66 -22.47
CA HIS B 67 -0.25 8.65 -21.10
C HIS B 67 1.17 8.12 -21.03
N GLY B 68 1.98 8.77 -20.23
CA GLY B 68 3.29 8.23 -19.97
C GLY B 68 3.23 6.80 -19.46
N PHE B 69 4.16 5.99 -19.94
CA PHE B 69 4.15 4.53 -19.72
C PHE B 69 5.60 4.11 -19.55
N HIS B 70 5.94 3.70 -18.32
CA HIS B 70 7.32 3.36 -18.03
C HIS B 70 7.43 2.20 -17.08
N ILE B 71 8.57 1.52 -17.16
CA ILE B 71 8.95 0.54 -16.12
C ILE B 71 9.68 1.28 -15.05
N HIS B 72 9.22 1.09 -13.81
CA HIS B 72 9.85 1.67 -12.64
C HIS B 72 10.64 0.62 -11.89
N GLU B 73 11.50 1.11 -11.02
CA GLU B 73 12.54 0.30 -10.41
C GLU B 73 12.01 -0.81 -9.52
N LYS B 74 11.10 -0.49 -8.61
CA LYS B 74 10.71 -1.44 -7.54
C LYS B 74 9.47 -2.23 -7.91
N PRO B 75 9.42 -3.49 -7.48
CA PRO B 75 8.27 -4.34 -7.67
C PRO B 75 7.16 -4.05 -6.67
N SER B 76 6.60 -2.84 -6.76
CA SER B 76 5.57 -2.38 -5.88
C SER B 76 4.74 -1.32 -6.54
N CYS B 77 3.44 -1.32 -6.26
CA CYS B 77 2.54 -0.26 -6.72
C CYS B 77 1.93 0.45 -5.51
N GLU B 78 2.52 0.24 -4.35
CA GLU B 78 2.02 0.82 -3.14
C GLU B 78 2.26 2.31 -3.12
N PRO B 79 1.42 3.05 -2.40
CA PRO B 79 1.66 4.46 -2.20
C PRO B 79 2.79 4.64 -1.18
N LYS B 80 3.35 5.83 -1.12
CA LYS B 80 4.34 6.11 -0.06
C LYS B 80 4.17 7.55 0.34
N GLU B 81 4.33 7.80 1.64
CA GLU B 81 4.23 9.17 2.15
C GLU B 81 5.50 9.96 1.80
N LYS B 82 5.31 11.17 1.30
CA LYS B 82 6.40 12.09 0.99
C LYS B 82 6.03 13.43 1.58
N ASP B 83 6.82 13.92 2.53
CA ASP B 83 6.55 15.22 3.14
C ASP B 83 5.10 15.36 3.59
N GLY B 84 4.58 14.27 4.16
CA GLY B 84 3.28 14.30 4.77
C GLY B 84 2.08 14.07 3.88
N LYS B 85 2.33 13.86 2.58
CA LYS B 85 1.28 13.53 1.60
C LYS B 85 1.45 12.09 1.19
N LEU B 86 0.35 11.34 1.14
CA LEU B 86 0.39 9.95 0.65
C LEU B 86 0.29 9.96 -0.85
N VAL B 87 1.36 9.56 -1.51
CA VAL B 87 1.48 9.75 -2.95
C VAL B 87 1.27 8.38 -3.62
N ALA B 88 0.26 8.34 -4.49
CA ALA B 88 -0.10 7.12 -5.22
C ALA B 88 1.09 6.59 -6.01
N GLY B 89 1.33 5.28 -5.88
CA GLY B 89 2.37 4.60 -6.62
C GLY B 89 3.79 4.92 -6.31
N LEU B 90 4.04 5.75 -5.29
CA LEU B 90 5.42 6.16 -5.04
C LEU B 90 6.29 5.02 -4.53
N GLY B 91 5.67 3.96 -4.03
CA GLY B 91 6.41 2.76 -3.67
C GLY B 91 7.20 2.10 -4.80
N ALA B 92 6.84 2.42 -6.04
CA ALA B 92 7.52 1.86 -7.18
C ALA B 92 8.89 2.48 -7.40
N GLY B 93 9.18 3.58 -6.77
CA GLY B 93 10.45 4.22 -7.02
C GLY B 93 10.47 4.94 -8.36
N GLY B 94 11.66 5.24 -8.84
CA GLY B 94 11.81 6.04 -10.07
C GLY B 94 11.84 5.17 -11.31
N HIS B 95 12.09 5.80 -12.45
CA HIS B 95 12.19 5.07 -13.69
C HIS B 95 13.33 4.09 -13.60
N TRP B 96 13.10 2.90 -14.13
CA TRP B 96 14.10 1.84 -14.13
C TRP B 96 15.26 2.24 -15.00
N ASP B 97 16.44 2.35 -14.39
CA ASP B 97 17.59 2.96 -15.05
C ASP B 97 18.87 2.17 -14.71
N PRO B 98 18.91 0.91 -15.10
CA PRO B 98 20.07 0.05 -14.79
C PRO B 98 21.37 0.53 -15.40
N LYS B 99 21.34 1.28 -16.51
CA LYS B 99 22.57 1.76 -17.15
C LYS B 99 22.97 3.12 -16.60
N GLN B 100 22.16 3.64 -15.68
CA GLN B 100 22.43 4.92 -15.04
C GLN B 100 22.65 6.10 -15.96
N THR B 101 21.76 6.24 -16.96
CA THR B 101 21.78 7.44 -17.82
C THR B 101 21.35 8.71 -17.11
N GLN B 102 20.50 8.57 -16.07
CA GLN B 102 19.97 9.70 -15.34
C GLN B 102 19.28 10.68 -16.25
N LYS B 103 18.67 10.17 -17.34
CA LYS B 103 17.99 11.02 -18.31
C LYS B 103 16.78 10.29 -18.86
N HIS B 104 15.66 10.98 -18.92
CA HIS B 104 14.47 10.38 -19.48
C HIS B 104 14.53 10.67 -20.95
N GLY B 105 14.19 9.68 -21.77
CA GLY B 105 14.31 9.85 -23.23
C GLY B 105 13.43 8.95 -24.09
N TYR B 106 13.79 8.82 -25.36
CA TYR B 106 13.05 8.01 -26.31
C TYR B 106 13.37 6.53 -26.12
N PRO B 107 12.44 5.63 -26.42
CA PRO B 107 12.68 4.21 -26.25
C PRO B 107 13.83 3.68 -27.09
N TRP B 108 14.14 4.37 -28.19
CA TRP B 108 15.18 3.98 -29.14
C TRP B 108 16.49 4.74 -28.94
N SER B 109 16.61 5.51 -27.87
CA SER B 109 17.85 6.21 -27.52
C SER B 109 18.59 5.52 -26.40
N ASP B 110 19.90 5.33 -26.56
CA ASP B 110 20.68 4.76 -25.49
C ASP B 110 20.91 5.72 -24.33
N ASP B 111 20.59 6.98 -24.52
CA ASP B 111 20.69 7.97 -23.44
C ASP B 111 19.45 7.94 -22.52
N ALA B 112 18.43 7.14 -22.84
CA ALA B 112 17.18 7.12 -22.06
C ALA B 112 17.21 6.02 -20.98
N HIS B 113 16.50 6.22 -19.88
CA HIS B 113 16.22 5.14 -18.94
C HIS B 113 15.78 3.89 -19.68
N MET B 114 16.26 2.72 -19.27
CA MET B 114 15.83 1.46 -19.87
C MET B 114 14.31 1.27 -19.80
N GLY B 115 13.71 1.82 -18.76
CA GLY B 115 12.28 1.70 -18.56
C GLY B 115 11.40 2.57 -19.43
N ASP B 116 11.99 3.39 -20.28
CA ASP B 116 11.23 4.32 -21.09
C ASP B 116 10.55 3.65 -22.28
N LEU B 117 9.22 3.63 -22.27
CA LEU B 117 8.43 2.96 -23.29
C LEU B 117 7.73 4.03 -24.12
N PRO B 118 7.24 3.66 -25.30
CA PRO B 118 6.27 4.53 -25.99
C PRO B 118 5.02 4.73 -25.14
N ALA B 119 4.31 5.82 -25.37
CA ALA B 119 3.15 6.17 -24.55
C ALA B 119 1.97 5.23 -24.79
N LEU B 120 1.10 5.23 -23.81
CA LEU B 120 -0.07 4.38 -23.78
C LEU B 120 -1.27 5.19 -24.22
N PHE B 121 -1.90 4.77 -25.31
CA PHE B 121 -3.12 5.44 -25.76
C PHE B 121 -4.35 4.88 -25.08
N VAL B 122 -5.10 5.76 -24.43
CA VAL B 122 -6.38 5.40 -23.83
C VAL B 122 -7.47 6.15 -24.57
N MET B 123 -8.35 5.42 -25.24
CA MET B 123 -9.43 6.06 -26.02
C MET B 123 -10.50 6.70 -25.12
N HIS B 124 -11.36 7.50 -25.73
CA HIS B 124 -12.41 8.16 -24.92
C HIS B 124 -13.26 7.17 -24.12
N ASP B 125 -13.46 5.97 -24.64
CA ASP B 125 -14.25 4.95 -23.94
C ASP B 125 -13.51 4.28 -22.81
N GLY B 126 -12.28 4.69 -22.54
CA GLY B 126 -11.49 4.26 -21.42
C GLY B 126 -10.58 3.07 -21.68
N SER B 127 -10.63 2.55 -22.90
CA SER B 127 -9.89 1.35 -23.26
C SER B 127 -8.51 1.68 -23.75
N ALA B 128 -7.57 0.79 -23.42
CA ALA B 128 -6.23 0.83 -24.00
C ALA B 128 -5.92 -0.53 -24.58
N THR B 129 -5.68 -0.54 -25.89
CA THR B 129 -5.46 -1.80 -26.64
C THR B 129 -4.36 -1.66 -27.68
N THR B 130 -3.62 -0.56 -27.69
CA THR B 130 -2.64 -0.27 -28.74
C THR B 130 -1.27 -0.74 -28.27
N PRO B 131 -0.71 -1.78 -28.85
CA PRO B 131 0.59 -2.28 -28.39
C PRO B 131 1.72 -1.34 -28.77
N VAL B 132 2.78 -1.41 -27.98
CA VAL B 132 4.01 -0.64 -28.24
C VAL B 132 5.23 -1.51 -28.06
N LEU B 133 6.32 -1.11 -28.74
CA LEU B 133 7.58 -1.83 -28.74
C LEU B 133 8.63 -1.12 -27.87
N ALA B 134 9.40 -1.88 -27.09
CA ALA B 134 10.62 -1.42 -26.42
C ALA B 134 11.82 -2.09 -27.11
N PRO B 135 12.43 -1.41 -28.08
CA PRO B 135 13.40 -2.08 -28.93
C PRO B 135 14.68 -2.47 -28.19
N ARG B 136 14.99 -1.84 -27.06
CA ARG B 136 16.23 -2.12 -26.29
C ARG B 136 16.06 -3.28 -25.32
N LEU B 137 14.84 -3.72 -25.09
CA LEU B 137 14.58 -4.86 -24.19
C LEU B 137 14.38 -6.10 -24.98
N LYS B 138 15.09 -7.16 -24.61
CA LYS B 138 15.11 -8.34 -25.46
C LYS B 138 14.43 -9.58 -24.88
N LYS B 139 14.47 -9.76 -23.57
CA LYS B 139 14.00 -11.01 -22.98
C LYS B 139 13.07 -10.73 -21.84
N LEU B 140 12.07 -11.59 -21.69
CA LEU B 140 11.07 -11.42 -20.63
C LEU B 140 11.70 -11.36 -19.25
N ALA B 141 12.74 -12.15 -19.00
CA ALA B 141 13.35 -12.14 -17.68
C ALA B 141 13.85 -10.77 -17.29
N GLU B 142 14.24 -9.92 -18.26
CA GLU B 142 14.86 -8.65 -17.87
C GLU B 142 13.91 -7.67 -17.16
N VAL B 143 12.62 -7.80 -17.38
CA VAL B 143 11.67 -6.88 -16.81
C VAL B 143 11.00 -7.39 -15.53
N LYS B 144 11.21 -8.67 -15.18
CA LYS B 144 10.64 -9.20 -13.95
C LYS B 144 11.32 -8.56 -12.74
N GLY B 145 10.55 -8.30 -11.69
CA GLY B 145 11.08 -7.65 -10.52
C GLY B 145 11.00 -6.15 -10.55
N HIS B 146 10.14 -5.64 -11.45
CA HIS B 146 9.97 -4.19 -11.62
C HIS B 146 8.48 -3.93 -11.68
N SER B 147 8.11 -2.69 -11.95
CA SER B 147 6.70 -2.32 -11.99
C SER B 147 6.44 -1.59 -13.31
N LEU B 148 5.20 -1.68 -13.77
CA LEU B 148 4.75 -1.05 -15.00
C LEU B 148 3.80 0.06 -14.58
N MET B 149 4.15 1.31 -14.94
CA MET B 149 3.46 2.53 -14.49
C MET B 149 2.80 3.26 -15.63
N ILE B 150 1.57 3.72 -15.39
CA ILE B 150 0.84 4.57 -16.34
C ILE B 150 0.55 5.88 -15.64
N HIS B 151 0.99 6.97 -16.23
CA HIS B 151 0.85 8.29 -15.62
C HIS B 151 -0.39 9.02 -16.07
N ALA B 152 -0.80 10.00 -15.29
CA ALA B 152 -1.93 10.87 -15.69
C ALA B 152 -1.60 11.74 -16.88
N GLY B 153 -0.35 12.22 -16.91
CA GLY B 153 0.15 13.09 -17.95
C GLY B 153 0.75 12.32 -19.12
N GLY B 154 1.29 13.05 -20.08
CA GLY B 154 1.85 12.45 -21.28
C GLY B 154 3.29 12.09 -21.15
N ASP B 155 3.94 12.06 -22.31
CA ASP B 155 5.39 11.78 -22.34
C ASP B 155 6.01 12.36 -23.58
N ASN B 156 6.69 13.47 -23.45
CA ASN B 156 7.47 14.00 -24.60
C ASN B 156 8.90 13.46 -24.68
N HIS B 157 9.20 12.48 -23.85
CA HIS B 157 10.47 11.77 -23.89
C HIS B 157 11.65 12.69 -23.73
N SER B 158 11.47 13.66 -22.84
CA SER B 158 12.52 14.57 -22.44
C SER B 158 12.31 14.97 -20.99
N ASP B 159 13.35 15.53 -20.38
CA ASP B 159 13.20 16.10 -19.05
C ASP B 159 12.85 17.59 -19.08
N HIS B 160 12.64 18.12 -20.28
CA HIS B 160 12.15 19.50 -20.49
C HIS B 160 10.95 19.53 -21.42
N PRO B 161 9.98 20.42 -21.22
CA PRO B 161 9.95 21.41 -20.16
C PRO B 161 9.55 20.89 -18.79
N ALA B 162 9.12 19.62 -18.71
CA ALA B 162 8.75 19.02 -17.42
C ALA B 162 9.60 17.79 -17.21
N PRO B 163 10.03 17.52 -15.99
CA PRO B 163 10.81 16.31 -15.70
C PRO B 163 10.05 15.05 -16.13
N LEU B 164 10.80 14.06 -16.55
CA LEU B 164 10.29 12.69 -16.78
C LEU B 164 9.14 12.73 -17.77
N GLY B 165 9.29 13.57 -18.79
CA GLY B 165 8.35 13.66 -19.87
C GLY B 165 7.03 14.32 -19.62
N GLY B 166 6.87 14.86 -18.41
CA GLY B 166 5.61 15.47 -18.03
C GLY B 166 4.53 14.47 -17.59
N GLY B 167 4.96 13.26 -17.23
CA GLY B 167 4.07 12.23 -16.77
C GLY B 167 3.24 12.63 -15.54
N GLY B 168 3.90 13.34 -14.63
CA GLY B 168 3.21 13.73 -13.40
C GLY B 168 2.74 12.55 -12.61
N PRO B 169 1.57 12.67 -11.99
CA PRO B 169 1.06 11.65 -11.10
C PRO B 169 0.91 10.26 -11.71
N ARG B 170 0.97 9.27 -10.85
CA ARG B 170 0.89 7.89 -11.21
C ARG B 170 -0.55 7.44 -11.13
N MET B 171 -1.11 7.03 -12.26
CA MET B 171 -2.52 6.78 -12.40
C MET B 171 -2.87 5.30 -12.24
N ALA B 172 -2.02 4.43 -12.75
CA ALA B 172 -2.31 2.98 -12.73
C ALA B 172 -0.96 2.27 -12.73
N CYS B 173 -0.96 1.02 -12.27
CA CYS B 173 0.30 0.33 -12.07
C CYS B 173 0.06 -1.16 -11.92
N GLY B 174 1.07 -1.95 -12.31
CA GLY B 174 1.09 -3.38 -11.98
C GLY B 174 2.51 -3.84 -11.81
N VAL B 175 2.69 -4.85 -10.96
CA VAL B 175 4.00 -5.44 -10.71
C VAL B 175 4.28 -6.50 -11.76
N ILE B 176 5.46 -6.43 -12.34
CA ILE B 176 5.90 -7.38 -13.36
C ILE B 176 6.62 -8.56 -12.67
N LYS B 177 5.99 -9.74 -12.74
CA LYS B 177 6.45 -10.97 -12.05
C LYS B 177 6.44 -12.10 -13.03
N GLU C 23 -0.93 -26.63 35.44
CA GLU C 23 -0.71 -26.33 36.88
C GLU C 23 -0.98 -24.86 37.14
N LYS C 24 -1.62 -24.56 38.25
CA LYS C 24 -1.93 -23.15 38.54
C LYS C 24 -1.86 -22.89 40.05
N ILE C 25 -1.72 -21.63 40.44
CA ILE C 25 -1.92 -21.22 41.81
C ILE C 25 -3.23 -20.47 41.84
N VAL C 26 -4.15 -20.91 42.68
CA VAL C 26 -5.40 -20.19 42.91
C VAL C 26 -5.22 -19.35 44.15
N VAL C 27 -5.23 -18.03 43.98
CA VAL C 27 -5.03 -17.12 45.08
C VAL C 27 -6.40 -16.62 45.56
N PRO C 28 -6.79 -16.91 46.81
CA PRO C 28 -8.03 -16.39 47.34
C PRO C 28 -7.81 -14.93 47.74
N VAL C 29 -8.75 -14.07 47.37
CA VAL C 29 -8.60 -12.66 47.62
C VAL C 29 -9.74 -12.12 48.46
N GLN C 30 -9.41 -11.25 49.41
CA GLN C 30 -10.39 -10.55 50.21
C GLN C 30 -10.25 -9.04 50.05
N GLN C 31 -11.39 -8.36 50.08
CA GLN C 31 -11.42 -6.91 50.24
C GLN C 31 -11.15 -6.60 51.73
N LEU C 32 -10.25 -5.66 51.98
CA LEU C 32 -9.71 -5.46 53.33
C LEU C 32 -10.45 -4.38 54.09
N ASP C 33 -10.93 -4.74 55.28
CA ASP C 33 -11.52 -3.77 56.18
C ASP C 33 -11.27 -4.19 57.64
N PRO C 34 -10.22 -3.64 58.24
CA PRO C 34 -9.82 -4.03 59.60
C PRO C 34 -10.82 -3.65 60.70
N GLN C 35 -11.74 -2.74 60.43
CA GLN C 35 -12.71 -2.34 61.44
C GLN C 35 -13.99 -3.13 61.33
N ASN C 36 -14.45 -3.39 60.12
CA ASN C 36 -15.75 -3.98 59.93
C ASN C 36 -15.70 -5.41 59.47
N GLY C 37 -14.52 -5.89 59.10
CA GLY C 37 -14.34 -7.26 58.62
C GLY C 37 -14.11 -7.37 57.12
N ASN C 38 -13.21 -8.26 56.74
CA ASN C 38 -12.92 -8.48 55.32
C ASN C 38 -14.09 -9.11 54.60
N LYS C 39 -14.09 -8.97 53.28
CA LYS C 39 -15.10 -9.57 52.41
C LYS C 39 -14.43 -10.41 51.33
N ASP C 40 -15.01 -11.58 51.05
CA ASP C 40 -14.52 -12.47 50.01
C ASP C 40 -14.91 -11.90 48.65
N VAL C 41 -13.94 -11.74 47.75
CA VAL C 41 -14.17 -11.16 46.44
C VAL C 41 -13.69 -12.05 45.24
N GLY C 42 -13.42 -13.32 45.52
CA GLY C 42 -13.04 -14.24 44.44
C GLY C 42 -11.60 -14.66 44.52
N THR C 43 -11.04 -14.94 43.33
CA THR C 43 -9.69 -15.45 43.22
C THR C 43 -8.95 -14.80 42.07
N VAL C 44 -7.62 -14.97 42.11
CA VAL C 44 -6.77 -14.71 40.97
C VAL C 44 -6.04 -16.01 40.73
N GLU C 45 -6.04 -16.45 39.47
CA GLU C 45 -5.31 -17.64 39.08
C GLU C 45 -3.97 -17.26 38.42
N ILE C 46 -2.88 -17.88 38.87
CA ILE C 46 -1.58 -17.65 38.27
C ILE C 46 -1.18 -18.87 37.49
N THR C 47 -0.77 -18.66 36.25
CA THR C 47 -0.32 -19.75 35.36
C THR C 47 0.94 -19.35 34.66
N GLU C 48 1.68 -20.33 34.15
CA GLU C 48 2.84 -20.08 33.32
C GLU C 48 2.45 -20.03 31.84
N SER C 49 3.03 -19.08 31.15
CA SER C 49 2.97 -19.01 29.69
C SER C 49 4.41 -19.07 29.18
N ALA C 50 4.54 -19.19 27.87
CA ALA C 50 5.86 -19.15 27.24
C ALA C 50 6.55 -17.79 27.34
N TYR C 51 5.85 -16.76 27.85
CA TYR C 51 6.35 -15.40 27.90
C TYR C 51 6.24 -14.83 29.31
N GLY C 52 5.99 -15.69 30.29
CA GLY C 52 6.00 -15.32 31.71
C GLY C 52 4.68 -15.64 32.40
N LEU C 53 4.58 -15.27 33.67
CA LEU C 53 3.41 -15.61 34.47
C LEU C 53 2.20 -14.78 34.10
N VAL C 54 1.07 -15.44 34.01
CA VAL C 54 -0.20 -14.80 33.67
C VAL C 54 -1.07 -14.78 34.92
N PHE C 55 -1.60 -13.59 35.23
CA PHE C 55 -2.47 -13.38 36.36
C PHE C 55 -3.89 -13.18 35.82
N THR C 56 -4.77 -14.15 36.03
CA THR C 56 -6.10 -14.13 35.54
C THR C 56 -7.07 -13.90 36.67
N PRO C 57 -7.60 -12.68 36.79
CA PRO C 57 -8.54 -12.43 37.88
C PRO C 57 -9.91 -13.03 37.62
N LYS C 58 -10.54 -13.43 38.73
CA LYS C 58 -11.92 -13.88 38.78
C LYS C 58 -12.51 -13.25 40.03
N LEU C 59 -12.59 -11.93 39.98
CA LEU C 59 -13.00 -11.14 41.12
C LEU C 59 -14.33 -10.46 40.90
N HIS C 60 -15.00 -10.19 42.03
CA HIS C 60 -16.29 -9.55 42.03
C HIS C 60 -16.43 -8.57 43.17
N ASP C 61 -17.36 -7.64 43.00
CA ASP C 61 -17.74 -6.65 44.03
C ASP C 61 -16.61 -5.80 44.57
N LEU C 62 -15.67 -5.46 43.68
CA LEU C 62 -14.66 -4.50 43.97
C LEU C 62 -14.99 -3.09 43.40
N ALA C 63 -14.34 -2.08 43.97
CA ALA C 63 -14.49 -0.73 43.44
C ALA C 63 -13.96 -0.59 42.03
N HIS C 64 -14.73 0.03 41.14
CA HIS C 64 -14.31 0.16 39.76
C HIS C 64 -13.05 1.02 39.63
N GLY C 65 -12.27 0.71 38.60
CA GLY C 65 -11.11 1.50 38.26
C GLY C 65 -9.94 0.66 37.76
N LEU C 66 -8.93 1.36 37.33
CA LEU C 66 -7.60 0.80 37.01
C LEU C 66 -6.85 0.83 38.34
N HIS C 67 -6.52 -0.36 38.88
CA HIS C 67 -5.97 -0.42 40.21
C HIS C 67 -4.54 -0.96 40.20
N GLY C 68 -3.67 -0.35 40.97
CA GLY C 68 -2.35 -0.90 41.15
C GLY C 68 -2.43 -2.33 41.65
N PHE C 69 -1.53 -3.16 41.13
CA PHE C 69 -1.54 -4.59 41.32
C PHE C 69 -0.10 -5.04 41.42
N HIS C 70 0.28 -5.50 42.62
CA HIS C 70 1.68 -5.82 42.85
C HIS C 70 1.79 -7.01 43.78
N ILE C 71 2.92 -7.71 43.64
CA ILE C 71 3.31 -8.72 44.60
C ILE C 71 4.08 -8.03 45.71
N HIS C 72 3.66 -8.26 46.96
CA HIS C 72 4.35 -7.68 48.12
C HIS C 72 5.17 -8.76 48.81
N GLU C 73 6.10 -8.32 49.65
CA GLU C 73 7.14 -9.22 50.18
C GLU C 73 6.63 -10.35 51.07
N LYS C 74 5.79 -10.01 52.03
CA LYS C 74 5.42 -10.98 53.07
C LYS C 74 4.16 -11.75 52.76
N PRO C 75 4.10 -13.02 53.17
CA PRO C 75 2.94 -13.86 52.97
C PRO C 75 1.85 -13.56 54.00
N SER C 76 1.35 -12.33 53.94
CA SER C 76 0.34 -11.89 54.89
C SER C 76 -0.51 -10.79 54.28
N CYS C 77 -1.79 -10.81 54.60
CA CYS C 77 -2.74 -9.74 54.25
C CYS C 77 -3.28 -9.06 55.50
N GLU C 78 -2.61 -9.26 56.61
CA GLU C 78 -3.08 -8.74 57.89
C GLU C 78 -2.81 -7.26 57.92
N PRO C 79 -3.64 -6.54 58.68
CA PRO C 79 -3.34 -5.14 58.92
C PRO C 79 -2.23 -5.01 59.95
N LYS C 80 -1.64 -3.82 60.01
CA LYS C 80 -0.64 -3.56 61.03
C LYS C 80 -0.82 -2.12 61.50
N GLU C 81 -0.60 -1.91 62.80
CA GLU C 81 -0.70 -0.59 63.38
C GLU C 81 0.56 0.18 63.04
N LYS C 82 0.38 1.38 62.54
CA LYS C 82 1.46 2.28 62.26
C LYS C 82 1.08 3.65 62.78
N ASP C 83 1.86 4.15 63.75
CA ASP C 83 1.62 5.49 64.33
C ASP C 83 0.15 5.65 64.74
N GLY C 84 -0.37 4.59 65.34
CA GLY C 84 -1.72 4.60 65.92
C GLY C 84 -2.88 4.41 64.97
N LYS C 85 -2.60 4.14 63.69
CA LYS C 85 -3.64 3.79 62.70
C LYS C 85 -3.50 2.33 62.37
N LEU C 86 -4.62 1.62 62.30
CA LEU C 86 -4.61 0.20 61.92
C LEU C 86 -4.71 0.16 60.40
N VAL C 87 -3.59 -0.10 59.74
CA VAL C 87 -3.51 0.11 58.31
C VAL C 87 -3.78 -1.23 57.61
N ALA C 88 -4.81 -1.20 56.78
CA ALA C 88 -5.19 -2.36 55.97
C ALA C 88 -4.02 -2.87 55.15
N GLY C 89 -3.80 -4.16 55.23
CA GLY C 89 -2.80 -4.79 54.37
C GLY C 89 -1.35 -4.53 54.67
N LEU C 90 -1.04 -3.81 55.76
CA LEU C 90 0.33 -3.40 55.98
C LEU C 90 1.24 -4.55 56.43
N GLY C 91 0.62 -5.64 56.92
CA GLY C 91 1.37 -6.85 57.21
C GLY C 91 2.05 -7.51 56.03
N ALA C 92 1.60 -7.16 54.83
CA ALA C 92 2.23 -7.65 53.62
C ALA C 92 3.59 -7.03 53.36
N GLY C 93 3.97 -5.97 54.04
CA GLY C 93 5.24 -5.34 53.73
C GLY C 93 5.20 -4.59 52.40
N GLY C 94 6.39 -4.28 51.90
CA GLY C 94 6.55 -3.48 50.71
C GLY C 94 6.51 -4.30 49.45
N HIS C 95 6.71 -3.65 48.33
CA HIS C 95 6.74 -4.38 47.07
C HIS C 95 7.83 -5.43 47.07
N TRP C 96 7.52 -6.59 46.52
CA TRP C 96 8.51 -7.63 46.39
C TRP C 96 9.65 -7.22 45.46
N ASP C 97 10.87 -7.19 46.00
CA ASP C 97 12.02 -6.62 45.34
C ASP C 97 13.28 -7.46 45.61
N PRO C 98 13.27 -8.71 45.16
CA PRO C 98 14.40 -9.62 45.44
C PRO C 98 15.71 -9.11 44.82
N LYS C 99 15.63 -8.30 43.76
CA LYS C 99 16.83 -7.82 43.09
C LYS C 99 17.30 -6.47 43.60
N GLN C 100 16.58 -5.93 44.58
CA GLN C 100 16.93 -4.70 45.28
C GLN C 100 17.14 -3.48 44.35
N THR C 101 16.17 -3.22 43.47
CA THR C 101 16.25 -2.05 42.59
C THR C 101 15.86 -0.80 43.32
N GLN C 102 15.04 -0.99 44.35
CA GLN C 102 14.51 0.08 45.15
C GLN C 102 13.78 1.11 44.32
N LYS C 103 13.16 0.67 43.22
CA LYS C 103 12.43 1.56 42.33
C LYS C 103 11.21 0.84 41.83
N HIS C 104 10.11 1.58 41.84
CA HIS C 104 8.87 1.07 41.29
C HIS C 104 8.85 1.40 39.83
N GLY C 105 8.50 0.43 38.98
CA GLY C 105 8.49 0.68 37.55
C GLY C 105 7.59 -0.20 36.70
N TYR C 106 7.90 -0.30 35.43
CA TYR C 106 7.13 -1.09 34.48
C TYR C 106 7.40 -2.59 34.61
N PRO C 107 6.43 -3.45 34.30
CA PRO C 107 6.63 -4.89 34.43
C PRO C 107 7.72 -5.41 33.49
N TRP C 108 8.01 -4.66 32.43
CA TRP C 108 9.03 -5.05 31.44
C TRP C 108 10.36 -4.33 31.63
N SER C 109 10.52 -3.63 32.75
CA SER C 109 11.75 -2.90 33.04
C SER C 109 12.57 -3.63 34.09
N ASP C 110 13.86 -3.85 33.82
CA ASP C 110 14.73 -4.50 34.79
C ASP C 110 15.05 -3.62 35.99
N ASP C 111 14.67 -2.36 35.92
CA ASP C 111 14.84 -1.40 37.02
C ASP C 111 13.68 -1.39 38.02
N ALA C 112 12.65 -2.18 37.74
CA ALA C 112 11.45 -2.18 38.56
C ALA C 112 11.48 -3.34 39.55
N HIS C 113 10.79 -3.16 40.66
CA HIS C 113 10.57 -4.22 41.59
C HIS C 113 10.08 -5.45 40.82
N MET C 114 10.56 -6.65 41.13
CA MET C 114 10.01 -7.86 40.53
C MET C 114 8.50 -8.03 40.73
N GLY C 115 7.95 -7.49 41.80
CA GLY C 115 6.52 -7.62 42.06
C GLY C 115 5.65 -6.71 41.28
N ASP C 116 6.23 -5.86 40.43
CA ASP C 116 5.41 -4.87 39.67
C ASP C 116 4.69 -5.51 38.50
N LEU C 117 3.36 -5.52 38.55
CA LEU C 117 2.52 -6.16 37.54
C LEU C 117 1.80 -5.06 36.75
N PRO C 118 1.24 -5.39 35.59
CA PRO C 118 0.28 -4.48 34.97
C PRO C 118 -0.92 -4.29 35.90
N ALA C 119 -1.66 -3.23 35.69
CA ALA C 119 -2.72 -2.82 36.60
C ALA C 119 -3.91 -3.76 36.39
N LEU C 120 -4.75 -3.77 37.41
CA LEU C 120 -5.94 -4.61 37.47
C LEU C 120 -7.17 -3.77 37.09
N PHE C 121 -7.88 -4.16 36.05
CA PHE C 121 -9.09 -3.45 35.64
C PHE C 121 -10.30 -3.98 36.33
N VAL C 122 -10.99 -3.10 37.08
CA VAL C 122 -12.26 -3.45 37.70
C VAL C 122 -13.35 -2.68 37.00
N MET C 123 -14.27 -3.37 36.34
CA MET C 123 -15.35 -2.70 35.62
C MET C 123 -16.40 -2.09 36.59
N HIS C 124 -17.29 -1.27 36.02
CA HIS C 124 -18.28 -0.60 36.88
C HIS C 124 -19.16 -1.61 37.63
N ASP C 125 -19.37 -2.77 37.06
CA ASP C 125 -20.13 -3.83 37.76
C ASP C 125 -19.37 -4.52 38.88
N GLY C 126 -18.13 -4.10 39.13
CA GLY C 126 -17.35 -4.58 40.23
C GLY C 126 -16.48 -5.77 39.86
N SER C 127 -16.57 -6.24 38.62
CA SER C 127 -15.85 -7.46 38.21
C SER C 127 -14.47 -7.16 37.70
N ALA C 128 -13.54 -8.07 37.99
CA ALA C 128 -12.23 -8.02 37.35
C ALA C 128 -11.98 -9.39 36.73
N THR C 129 -11.79 -9.37 35.42
CA THR C 129 -11.62 -10.60 34.62
C THR C 129 -10.56 -10.45 33.54
N THR C 130 -9.76 -9.40 33.57
CA THR C 130 -8.86 -9.08 32.49
C THR C 130 -7.44 -9.58 32.84
N PRO C 131 -6.94 -10.62 32.20
CA PRO C 131 -5.64 -11.12 32.61
C PRO C 131 -4.50 -10.20 32.21
N VAL C 132 -3.41 -10.33 32.95
CA VAL C 132 -2.19 -9.58 32.68
C VAL C 132 -0.93 -10.46 32.76
N LEU C 133 0.11 -10.04 32.06
CA LEU C 133 1.38 -10.78 31.99
C LEU C 133 2.47 -10.10 32.81
N ALA C 134 3.26 -10.88 33.55
CA ALA C 134 4.47 -10.45 34.21
C ALA C 134 5.62 -11.12 33.44
N PRO C 135 6.17 -10.45 32.43
CA PRO C 135 7.18 -11.10 31.57
C PRO C 135 8.47 -11.49 32.29
N ARG C 136 8.75 -10.91 33.44
CA ARG C 136 10.02 -11.18 34.14
C ARG C 136 9.89 -12.36 35.11
N LEU C 137 8.68 -12.83 35.33
CA LEU C 137 8.41 -13.95 36.25
C LEU C 137 8.22 -15.20 35.42
N LYS C 138 8.95 -16.27 35.78
CA LYS C 138 9.00 -17.43 34.91
C LYS C 138 8.29 -18.67 35.47
N LYS C 139 8.37 -18.86 36.77
CA LYS C 139 7.91 -20.08 37.40
C LYS C 139 6.98 -19.80 38.55
N LEU C 140 5.98 -20.65 38.72
CA LEU C 140 5.02 -20.53 39.81
C LEU C 140 5.70 -20.53 41.17
N ALA C 141 6.76 -21.32 41.33
CA ALA C 141 7.40 -21.38 42.63
C ALA C 141 8.00 -20.06 43.06
N GLU C 142 8.39 -19.19 42.14
CA GLU C 142 9.06 -17.98 42.58
C GLU C 142 8.13 -16.99 43.27
N VAL C 143 6.83 -17.08 43.03
CA VAL C 143 5.89 -16.15 43.66
C VAL C 143 5.23 -16.66 44.93
N LYS C 144 5.40 -17.94 45.23
CA LYS C 144 4.91 -18.47 46.50
C LYS C 144 5.68 -17.92 47.67
N GLY C 145 4.97 -17.70 48.76
CA GLY C 145 5.55 -17.09 49.96
C GLY C 145 5.45 -15.58 49.98
N HIS C 146 4.60 -15.03 49.11
CA HIS C 146 4.44 -13.58 49.02
C HIS C 146 2.94 -13.28 48.99
N SER C 147 2.59 -12.03 48.79
CA SER C 147 1.18 -11.64 48.80
C SER C 147 0.85 -10.88 47.52
N LEU C 148 -0.41 -10.89 47.15
CA LEU C 148 -0.87 -10.28 45.92
C LEU C 148 -1.81 -9.16 46.37
N MET C 149 -1.42 -7.95 45.99
CA MET C 149 -2.07 -6.76 46.50
C MET C 149 -2.77 -5.95 45.41
N ILE C 150 -3.98 -5.47 45.69
CA ILE C 150 -4.73 -4.60 44.82
C ILE C 150 -4.97 -3.31 45.58
N HIS C 151 -4.60 -2.21 44.96
CA HIS C 151 -4.68 -0.92 45.59
C HIS C 151 -5.93 -0.14 45.21
N ALA C 152 -6.31 0.81 46.06
CA ALA C 152 -7.39 1.72 45.71
C ALA C 152 -7.10 2.62 44.53
N GLY C 153 -5.88 3.11 44.47
CA GLY C 153 -5.34 3.97 43.42
C GLY C 153 -4.80 3.20 42.22
N GLY C 154 -4.28 3.92 41.25
CA GLY C 154 -3.85 3.38 40.00
C GLY C 154 -2.39 2.98 40.08
N ASP C 155 -1.75 3.01 38.93
CA ASP C 155 -0.32 2.71 38.84
C ASP C 155 0.24 3.30 37.58
N ASN C 156 1.00 4.39 37.70
CA ASN C 156 1.72 4.93 36.54
C ASN C 156 3.13 4.39 36.41
N HIS C 157 3.46 3.37 37.20
CA HIS C 157 4.70 2.62 37.05
C HIS C 157 5.91 3.53 37.19
N SER C 158 5.76 4.49 38.08
CA SER C 158 6.84 5.39 38.48
C SER C 158 6.71 5.72 39.97
N ASP C 159 7.77 6.25 40.54
CA ASP C 159 7.71 6.77 41.90
C ASP C 159 7.37 8.27 41.92
N HIS C 160 7.12 8.85 40.76
CA HIS C 160 6.68 10.22 40.60
C HIS C 160 5.45 10.30 39.69
N PRO C 161 4.48 11.18 39.97
CA PRO C 161 4.56 12.17 41.07
C PRO C 161 4.18 11.62 42.44
N ALA C 162 3.76 10.36 42.51
CA ALA C 162 3.42 9.72 43.75
C ALA C 162 4.23 8.46 43.92
N PRO C 163 4.64 8.14 45.14
CA PRO C 163 5.42 6.94 45.39
C PRO C 163 4.66 5.70 44.92
N LEU C 164 5.41 4.70 44.44
CA LEU C 164 4.82 3.36 44.19
C LEU C 164 3.65 3.40 43.21
N GLY C 165 3.76 4.28 42.23
CA GLY C 165 2.78 4.44 41.19
C GLY C 165 1.48 5.08 41.50
N GLY C 166 1.36 5.58 42.74
CA GLY C 166 0.14 6.22 43.18
C GLY C 166 -0.95 5.26 43.65
N GLY C 167 -0.55 4.03 43.97
CA GLY C 167 -1.47 3.03 44.45
C GLY C 167 -2.21 3.38 45.72
N GLY C 168 -1.51 4.05 46.61
CA GLY C 168 -2.14 4.44 47.87
C GLY C 168 -2.60 3.24 48.65
N PRO C 169 -3.73 3.36 49.33
CA PRO C 169 -4.20 2.34 50.23
C PRO C 169 -4.36 0.96 49.59
N ARG C 170 -4.30 -0.05 50.45
CA ARG C 170 -4.40 -1.44 50.05
C ARG C 170 -5.86 -1.86 50.16
N MET C 171 -6.47 -2.20 49.03
CA MET C 171 -7.92 -2.40 48.94
C MET C 171 -8.31 -3.89 49.10
N ALA C 172 -7.51 -4.75 48.49
CA ALA C 172 -7.78 -6.18 48.49
C ALA C 172 -6.44 -6.93 48.41
N CYS C 173 -6.44 -8.17 48.86
CA CYS C 173 -5.20 -8.91 49.00
C CYS C 173 -5.45 -10.40 49.12
N GLY C 174 -4.48 -11.17 48.65
CA GLY C 174 -4.42 -12.61 48.92
C GLY C 174 -3.01 -13.08 49.09
N VAL C 175 -2.83 -14.11 49.91
CA VAL C 175 -1.53 -14.77 50.09
C VAL C 175 -1.33 -15.82 48.99
N ILE C 176 -0.15 -15.75 48.38
CA ILE C 176 0.24 -16.67 47.30
C ILE C 176 0.99 -17.84 47.94
N LYS C 177 0.40 -19.02 47.87
CA LYS C 177 1.06 -20.20 48.45
C LYS C 177 0.78 -21.43 47.63
N GLU D 23 15.48 4.11 19.34
CA GLU D 23 14.64 3.92 18.12
C GLU D 23 13.20 3.74 18.58
N LYS D 24 12.27 4.44 17.93
CA LYS D 24 10.87 4.28 18.22
C LYS D 24 10.09 4.48 16.95
N ILE D 25 8.85 3.99 16.93
CA ILE D 25 7.94 4.30 15.86
C ILE D 25 6.86 5.17 16.46
N VAL D 26 6.64 6.35 15.90
CA VAL D 26 5.53 7.18 16.30
C VAL D 26 4.39 6.93 15.31
N VAL D 27 3.32 6.30 15.78
CA VAL D 27 2.13 6.09 14.97
C VAL D 27 1.10 7.18 15.14
N PRO D 28 0.80 7.98 14.10
CA PRO D 28 -0.27 8.95 14.21
C PRO D 28 -1.61 8.25 14.11
N VAL D 29 -2.52 8.62 15.00
CA VAL D 29 -3.81 7.95 15.11
C VAL D 29 -4.94 8.96 14.93
N GLN D 30 -5.94 8.56 14.16
CA GLN D 30 -7.15 9.35 14.02
C GLN D 30 -8.37 8.56 14.47
N GLN D 31 -9.33 9.27 15.05
CA GLN D 31 -10.69 8.75 15.27
C GLN D 31 -11.39 8.71 13.93
N LEU D 32 -12.00 7.58 13.61
CA LEU D 32 -12.59 7.36 12.29
C LEU D 32 -14.07 7.71 12.25
N ASP D 33 -14.40 8.70 11.42
CA ASP D 33 -15.78 9.11 11.19
C ASP D 33 -15.92 9.41 9.70
N PRO D 34 -16.27 8.41 8.90
CA PRO D 34 -16.29 8.57 7.44
C PRO D 34 -17.42 9.44 6.90
N GLN D 35 -18.30 9.94 7.77
CA GLN D 35 -19.42 10.79 7.37
C GLN D 35 -19.24 12.25 7.79
N ASN D 36 -18.79 12.46 9.03
CA ASN D 36 -18.55 13.80 9.55
C ASN D 36 -17.09 14.25 9.49
N GLY D 37 -16.18 13.32 9.24
CA GLY D 37 -14.74 13.64 9.17
C GLY D 37 -13.90 13.08 10.32
N ASN D 38 -12.75 12.52 9.98
CA ASN D 38 -11.78 12.05 11.02
C ASN D 38 -11.26 13.14 11.93
N LYS D 39 -10.84 12.75 13.13
CA LYS D 39 -10.29 13.70 14.07
C LYS D 39 -8.94 13.17 14.55
N ASP D 40 -7.97 14.05 14.65
CA ASP D 40 -6.64 13.69 15.14
C ASP D 40 -6.75 13.49 16.66
N VAL D 41 -6.23 12.35 17.14
CA VAL D 41 -6.36 12.03 18.57
C VAL D 41 -5.03 11.69 19.24
N GLY D 42 -3.93 11.97 18.56
CA GLY D 42 -2.62 11.82 19.13
C GLY D 42 -1.82 10.74 18.46
N THR D 43 -1.00 10.06 19.28
CA THR D 43 -0.07 9.07 18.76
C THR D 43 0.00 7.85 19.70
N VAL D 44 0.53 6.76 19.15
CA VAL D 44 1.01 5.63 19.94
C VAL D 44 2.49 5.46 19.59
N GLU D 45 3.35 5.38 20.59
CA GLU D 45 4.77 5.13 20.39
C GLU D 45 5.09 3.67 20.60
N ILE D 46 5.80 3.08 19.64
CA ILE D 46 6.23 1.71 19.79
C ILE D 46 7.72 1.69 20.06
N THR D 47 8.12 1.02 21.14
CA THR D 47 9.52 0.85 21.47
C THR D 47 9.85 -0.58 21.79
N GLU D 48 11.16 -0.87 21.80
CA GLU D 48 11.63 -2.20 22.15
C GLU D 48 11.98 -2.24 23.64
N SER D 49 11.43 -3.25 24.33
CA SER D 49 11.89 -3.58 25.66
C SER D 49 12.68 -4.87 25.56
N ALA D 50 13.29 -5.25 26.66
CA ALA D 50 13.99 -6.55 26.70
C ALA D 50 13.07 -7.74 26.65
N TYR D 51 11.76 -7.51 26.72
CA TYR D 51 10.75 -8.56 26.78
C TYR D 51 9.72 -8.49 25.63
N GLY D 52 9.93 -7.59 24.68
CA GLY D 52 9.03 -7.38 23.56
C GLY D 52 8.68 -5.95 23.31
N LEU D 53 7.82 -5.73 22.33
CA LEU D 53 7.48 -4.39 21.94
C LEU D 53 6.49 -3.78 22.93
N VAL D 54 6.76 -2.54 23.28
CA VAL D 54 5.87 -1.76 24.14
C VAL D 54 5.14 -0.73 23.31
N PHE D 55 3.83 -0.65 23.51
CA PHE D 55 2.95 0.31 22.85
C PHE D 55 2.50 1.31 23.87
N THR D 56 2.98 2.56 23.73
CA THR D 56 2.71 3.60 24.69
C THR D 56 1.77 4.63 24.07
N PRO D 57 0.50 4.61 24.43
CA PRO D 57 -0.41 5.60 23.86
C PRO D 57 -0.19 6.97 24.44
N LYS D 58 -0.46 7.96 23.57
CA LYS D 58 -0.50 9.35 23.90
C LYS D 58 -1.72 9.89 23.16
N LEU D 59 -2.90 9.42 23.57
CA LEU D 59 -4.16 9.73 22.87
C LEU D 59 -5.08 10.60 23.71
N HIS D 60 -5.96 11.35 23.02
CA HIS D 60 -6.91 12.24 23.68
C HIS D 60 -8.24 12.21 22.91
N ASP D 61 -9.30 12.58 23.62
CA ASP D 61 -10.64 12.74 23.05
C ASP D 61 -11.17 11.48 22.39
N LEU D 62 -10.91 10.33 23.03
CA LEU D 62 -11.51 9.09 22.65
C LEU D 62 -12.55 8.66 23.71
N ALA D 63 -13.37 7.70 23.31
CA ALA D 63 -14.46 7.13 24.16
C ALA D 63 -13.85 6.35 25.32
N HIS D 64 -14.24 6.72 26.53
CA HIS D 64 -13.82 6.07 27.78
C HIS D 64 -14.21 4.59 27.78
N GLY D 65 -13.26 3.74 28.16
CA GLY D 65 -13.49 2.29 28.27
C GLY D 65 -12.24 1.50 27.99
N LEU D 66 -12.32 0.17 28.06
CA LEU D 66 -11.21 -0.74 27.71
C LEU D 66 -11.48 -1.28 26.31
N HIS D 67 -10.56 -1.01 25.39
CA HIS D 67 -10.81 -1.20 23.97
C HIS D 67 -9.93 -2.23 23.33
N GLY D 68 -10.48 -3.00 22.41
CA GLY D 68 -9.70 -3.89 21.63
C GLY D 68 -8.66 -3.15 20.82
N PHE D 69 -7.46 -3.70 20.80
CA PHE D 69 -6.26 -3.07 20.30
C PHE D 69 -5.46 -4.12 19.58
N HIS D 70 -5.45 -4.04 18.24
CA HIS D 70 -4.73 -5.01 17.40
C HIS D 70 -4.01 -4.36 16.24
N ILE D 71 -3.01 -5.09 15.77
CA ILE D 71 -2.37 -4.80 14.49
C ILE D 71 -3.17 -5.53 13.41
N HIS D 72 -3.62 -4.78 12.40
CA HIS D 72 -4.33 -5.35 11.27
C HIS D 72 -3.41 -5.43 10.10
N GLU D 73 -3.81 -6.23 9.11
CA GLU D 73 -2.93 -6.63 8.02
C GLU D 73 -2.47 -5.50 7.09
N LYS D 74 -3.39 -4.63 6.67
CA LYS D 74 -3.08 -3.62 5.63
C LYS D 74 -2.76 -2.23 6.22
N PRO D 75 -1.76 -1.56 5.62
CA PRO D 75 -1.37 -0.23 6.06
C PRO D 75 -2.31 0.89 5.57
N SER D 76 -3.56 0.79 5.97
CA SER D 76 -4.55 1.79 5.63
C SER D 76 -5.61 1.86 6.70
N CYS D 77 -6.15 3.05 6.90
CA CYS D 77 -7.23 3.29 7.84
C CYS D 77 -8.49 3.76 7.16
N GLU D 78 -8.55 3.63 5.84
CA GLU D 78 -9.65 4.23 5.09
C GLU D 78 -10.87 3.37 5.26
N PRO D 79 -12.06 3.96 5.14
CA PRO D 79 -13.29 3.20 5.20
C PRO D 79 -13.45 2.41 3.91
N LYS D 80 -14.37 1.45 3.94
CA LYS D 80 -14.62 0.61 2.78
C LYS D 80 -16.12 0.32 2.74
N GLU D 81 -16.66 0.21 1.54
CA GLU D 81 -18.06 -0.16 1.37
C GLU D 81 -18.21 -1.66 1.57
N LYS D 82 -19.13 -2.03 2.44
CA LYS D 82 -19.45 -3.44 2.67
C LYS D 82 -20.95 -3.59 2.67
N ASP D 83 -21.43 -4.59 1.92
CA ASP D 83 -22.87 -4.83 1.79
C ASP D 83 -23.63 -3.50 1.67
N GLY D 84 -23.22 -2.69 0.70
CA GLY D 84 -23.86 -1.41 0.44
C GLY D 84 -23.78 -0.41 1.57
N LYS D 85 -22.69 -0.45 2.34
CA LYS D 85 -22.46 0.52 3.41
C LYS D 85 -20.97 0.89 3.54
N LEU D 86 -20.71 2.17 3.84
CA LEU D 86 -19.35 2.69 4.01
C LEU D 86 -18.92 2.61 5.49
N VAL D 87 -17.95 1.75 5.78
CA VAL D 87 -17.69 1.32 7.15
C VAL D 87 -16.27 1.70 7.60
N ALA D 88 -16.19 2.49 8.68
CA ALA D 88 -14.91 2.97 9.24
C ALA D 88 -13.86 1.86 9.35
N GLY D 89 -12.67 2.15 8.82
CA GLY D 89 -11.46 1.33 9.02
C GLY D 89 -11.36 0.01 8.28
N LEU D 90 -12.35 -0.31 7.46
CA LEU D 90 -12.38 -1.64 6.85
C LEU D 90 -11.20 -1.86 5.88
N GLY D 91 -10.65 -0.76 5.38
CA GLY D 91 -9.47 -0.81 4.51
C GLY D 91 -8.24 -1.51 5.10
N ALA D 92 -8.19 -1.57 6.44
CA ALA D 92 -7.09 -2.22 7.16
C ALA D 92 -7.09 -3.74 7.04
N GLY D 93 -8.22 -4.30 6.59
CA GLY D 93 -8.35 -5.73 6.58
C GLY D 93 -8.50 -6.28 7.99
N GLY D 94 -8.20 -7.56 8.08
CA GLY D 94 -8.39 -8.32 9.33
C GLY D 94 -7.18 -8.20 10.22
N HIS D 95 -7.15 -9.06 11.23
CA HIS D 95 -6.05 -9.07 12.19
C HIS D 95 -4.82 -9.61 11.52
N TRP D 96 -3.68 -9.01 11.85
CA TRP D 96 -2.39 -9.42 11.31
C TRP D 96 -2.04 -10.80 11.80
N ASP D 97 -1.92 -11.74 10.86
CA ASP D 97 -1.85 -13.15 11.17
C ASP D 97 -0.89 -13.83 10.23
N PRO D 98 0.39 -13.49 10.34
CA PRO D 98 1.38 -14.05 9.44
C PRO D 98 1.61 -15.54 9.64
N LYS D 99 1.41 -16.06 10.85
CA LYS D 99 1.57 -17.51 11.09
C LYS D 99 0.26 -18.28 10.80
N GLN D 100 -0.75 -17.57 10.30
CA GLN D 100 -2.04 -18.17 9.91
C GLN D 100 -2.63 -19.08 10.98
N THR D 101 -2.78 -18.55 12.20
CA THR D 101 -3.39 -19.33 13.27
C THR D 101 -4.91 -19.37 13.06
N GLN D 102 -5.41 -18.34 12.41
CA GLN D 102 -6.84 -18.14 12.14
C GLN D 102 -7.67 -18.17 13.43
N LYS D 103 -7.05 -17.68 14.51
CA LYS D 103 -7.67 -17.70 15.84
C LYS D 103 -7.23 -16.45 16.57
N HIS D 104 -8.19 -15.71 17.12
CA HIS D 104 -7.90 -14.56 17.95
C HIS D 104 -7.62 -15.07 19.36
N GLY D 105 -6.60 -14.51 20.01
CA GLY D 105 -6.19 -15.00 21.33
C GLY D 105 -5.42 -13.99 22.18
N TYR D 106 -4.75 -14.52 23.18
CA TYR D 106 -4.00 -13.71 24.14
C TYR D 106 -2.67 -13.29 23.57
N PRO D 107 -2.10 -12.17 24.01
CA PRO D 107 -0.84 -11.73 23.44
C PRO D 107 0.31 -12.68 23.75
N TRP D 108 0.12 -13.50 24.76
CA TRP D 108 1.15 -14.44 25.20
C TRP D 108 0.86 -15.86 24.68
N SER D 109 -0.10 -16.01 23.78
CA SER D 109 -0.42 -17.34 23.22
C SER D 109 0.19 -17.46 21.84
N ASP D 110 0.90 -18.55 21.59
CA ASP D 110 1.42 -18.81 20.24
C ASP D 110 0.35 -19.25 19.25
N ASP D 111 -0.88 -19.46 19.71
CA ASP D 111 -1.99 -19.77 18.82
C ASP D 111 -2.86 -18.56 18.51
N ALA D 112 -2.44 -17.37 18.95
CA ALA D 112 -3.15 -16.14 18.63
C ALA D 112 -2.53 -15.44 17.42
N HIS D 113 -3.32 -14.64 16.73
CA HIS D 113 -2.84 -13.73 15.69
C HIS D 113 -1.63 -12.97 16.24
N MET D 114 -0.57 -12.82 15.44
CA MET D 114 0.59 -12.03 15.88
C MET D 114 0.20 -10.59 16.23
N GLY D 115 -0.90 -10.07 15.65
CA GLY D 115 -1.34 -8.70 15.88
C GLY D 115 -2.13 -8.50 17.17
N ASP D 116 -2.31 -9.57 17.97
CA ASP D 116 -3.17 -9.48 19.15
C ASP D 116 -2.43 -8.85 20.34
N LEU D 117 -2.85 -7.65 20.73
CA LEU D 117 -2.20 -6.91 21.80
C LEU D 117 -3.12 -6.89 23.01
N PRO D 118 -2.58 -6.54 24.19
CA PRO D 118 -3.47 -6.29 25.31
C PRO D 118 -4.39 -5.16 25.00
N ALA D 119 -5.58 -5.12 25.60
CA ALA D 119 -6.53 -4.03 25.38
C ALA D 119 -6.02 -2.67 25.88
N LEU D 120 -6.51 -1.62 25.26
CA LEU D 120 -6.08 -0.25 25.48
C LEU D 120 -7.11 0.50 26.31
N PHE D 121 -6.69 1.09 27.41
CA PHE D 121 -7.63 1.75 28.33
C PHE D 121 -7.68 3.27 28.11
N VAL D 122 -8.88 3.79 27.86
CA VAL D 122 -9.11 5.23 27.77
C VAL D 122 -9.80 5.64 29.07
N MET D 123 -9.19 6.56 29.81
CA MET D 123 -9.73 7.02 31.08
C MET D 123 -11.00 7.85 30.87
N HIS D 124 -11.66 8.19 31.98
CA HIS D 124 -12.97 8.85 31.91
C HIS D 124 -12.89 10.24 31.27
N ASP D 125 -11.71 10.84 31.26
CA ASP D 125 -11.49 12.13 30.59
C ASP D 125 -11.14 12.02 29.10
N GLY D 126 -11.15 10.80 28.59
CA GLY D 126 -10.95 10.56 27.18
C GLY D 126 -9.48 10.35 26.75
N SER D 127 -8.57 10.40 27.70
CA SER D 127 -7.16 10.17 27.38
C SER D 127 -6.73 8.69 27.53
N ALA D 128 -5.75 8.32 26.74
CA ALA D 128 -5.11 7.00 26.86
C ALA D 128 -3.62 7.21 26.99
N THR D 129 -3.05 6.70 28.09
CA THR D 129 -1.62 6.85 28.35
C THR D 129 -1.03 5.60 28.99
N THR D 130 -1.74 4.48 28.96
CA THR D 130 -1.32 3.27 29.66
C THR D 130 -0.61 2.33 28.70
N PRO D 131 0.69 2.10 28.88
CA PRO D 131 1.43 1.25 27.94
C PRO D 131 1.09 -0.21 28.16
N VAL D 132 1.24 -0.98 27.06
CA VAL D 132 1.01 -2.41 27.07
C VAL D 132 2.14 -3.09 26.30
N LEU D 133 2.37 -4.34 26.67
CA LEU D 133 3.48 -5.15 26.11
C LEU D 133 2.93 -6.22 25.18
N ALA D 134 3.60 -6.39 24.03
CA ALA D 134 3.38 -7.52 23.13
C ALA D 134 4.60 -8.43 23.17
N PRO D 135 4.64 -9.42 24.04
CA PRO D 135 5.89 -10.18 24.28
C PRO D 135 6.36 -10.97 23.06
N ARG D 136 5.46 -11.27 22.15
CA ARG D 136 5.85 -12.07 20.95
C ARG D 136 6.52 -11.25 19.87
N LEU D 137 6.33 -9.95 19.88
CA LEU D 137 6.93 -9.05 18.89
C LEU D 137 8.22 -8.53 19.49
N LYS D 138 9.33 -8.63 18.75
CA LYS D 138 10.63 -8.34 19.32
C LYS D 138 11.34 -7.14 18.68
N LYS D 139 11.08 -6.86 17.39
CA LYS D 139 11.76 -5.78 16.71
C LYS D 139 10.82 -4.83 15.99
N LEU D 140 11.15 -3.55 16.02
CA LEU D 140 10.30 -2.55 15.39
C LEU D 140 10.02 -2.85 13.92
N ALA D 141 10.98 -3.42 13.23
CA ALA D 141 10.79 -3.67 11.81
C ALA D 141 9.63 -4.63 11.52
N GLU D 142 9.31 -5.50 12.47
CA GLU D 142 8.30 -6.56 12.28
C GLU D 142 6.92 -5.96 12.04
N VAL D 143 6.65 -4.81 12.64
CA VAL D 143 5.31 -4.24 12.66
C VAL D 143 5.09 -3.16 11.60
N LYS D 144 6.16 -2.80 10.88
CA LYS D 144 6.06 -1.80 9.83
C LYS D 144 5.29 -2.36 8.64
N GLY D 145 4.51 -1.52 7.99
CA GLY D 145 3.69 -1.95 6.85
C GLY D 145 2.35 -2.50 7.25
N HIS D 146 1.91 -2.15 8.46
CA HIS D 146 0.64 -2.64 8.97
C HIS D 146 -0.14 -1.51 9.59
N SER D 147 -1.29 -1.81 10.19
CA SER D 147 -2.09 -0.80 10.81
C SER D 147 -2.33 -1.15 12.27
N LEU D 148 -2.50 -0.10 13.04
CA LEU D 148 -2.82 -0.19 14.45
C LEU D 148 -4.25 0.26 14.68
N MET D 149 -5.08 -0.64 15.23
CA MET D 149 -6.52 -0.42 15.31
C MET D 149 -6.97 -0.39 16.75
N ILE D 150 -7.84 0.57 17.06
CA ILE D 150 -8.48 0.62 18.36
C ILE D 150 -9.98 0.47 18.08
N HIS D 151 -10.61 -0.47 18.75
CA HIS D 151 -12.02 -0.73 18.53
C HIS D 151 -12.90 -0.02 19.51
N ALA D 152 -14.19 0.11 19.18
CA ALA D 152 -15.16 0.64 20.11
C ALA D 152 -15.44 -0.31 21.28
N GLY D 153 -15.52 -1.59 20.95
CA GLY D 153 -15.71 -2.70 21.94
C GLY D 153 -14.41 -3.13 22.62
N GLY D 154 -14.53 -4.15 23.47
CA GLY D 154 -13.38 -4.61 24.23
C GLY D 154 -12.65 -5.74 23.57
N ASP D 155 -12.02 -6.59 24.38
CA ASP D 155 -11.32 -7.74 23.88
C ASP D 155 -11.21 -8.79 24.98
N ASN D 156 -11.99 -9.87 24.82
CA ASN D 156 -11.85 -11.01 25.71
C ASN D 156 -10.83 -12.06 25.22
N HIS D 157 -10.09 -11.71 24.16
CA HIS D 157 -9.01 -12.55 23.63
C HIS D 157 -9.48 -13.96 23.23
N SER D 158 -10.70 -14.00 22.71
CA SER D 158 -11.22 -15.23 22.12
C SER D 158 -12.13 -14.87 20.96
N ASP D 159 -12.43 -15.85 20.12
CA ASP D 159 -13.44 -15.68 19.08
C ASP D 159 -14.87 -16.02 19.56
N HIS D 160 -15.02 -16.38 20.85
CA HIS D 160 -16.30 -16.61 21.48
C HIS D 160 -16.43 -15.80 22.76
N PRO D 161 -17.60 -15.23 23.06
CA PRO D 161 -18.85 -15.43 22.32
C PRO D 161 -18.98 -14.58 21.03
N ALA D 162 -18.04 -13.65 20.80
CA ALA D 162 -18.03 -12.79 19.63
C ALA D 162 -16.72 -12.92 18.90
N PRO D 163 -16.74 -12.95 17.56
CA PRO D 163 -15.52 -13.03 16.81
C PRO D 163 -14.52 -11.94 17.22
N LEU D 164 -13.25 -12.30 17.18
CA LEU D 164 -12.17 -11.31 17.27
C LEU D 164 -12.25 -10.53 18.58
N GLY D 165 -12.67 -11.19 19.64
CA GLY D 165 -12.63 -10.59 20.98
C GLY D 165 -13.79 -9.69 21.29
N GLY D 166 -14.72 -9.52 20.35
CA GLY D 166 -15.83 -8.61 20.51
C GLY D 166 -15.49 -7.12 20.35
N GLY D 167 -14.41 -6.82 19.62
CA GLY D 167 -14.04 -5.44 19.39
C GLY D 167 -15.07 -4.64 18.61
N GLY D 168 -15.68 -5.31 17.62
CA GLY D 168 -16.72 -4.67 16.84
C GLY D 168 -16.17 -3.53 16.01
N PRO D 169 -16.91 -2.42 15.94
CA PRO D 169 -16.55 -1.28 15.08
C PRO D 169 -15.18 -0.71 15.37
N ARG D 170 -14.60 -0.10 14.35
CA ARG D 170 -13.24 0.43 14.40
C ARG D 170 -13.30 1.91 14.72
N MET D 171 -12.77 2.26 15.88
CA MET D 171 -12.93 3.57 16.45
C MET D 171 -11.80 4.51 16.05
N ALA D 172 -10.59 3.99 16.02
CA ALA D 172 -9.40 4.83 15.75
C ALA D 172 -8.35 3.96 15.13
N CYS D 173 -7.48 4.57 14.34
CA CYS D 173 -6.53 3.81 13.54
C CYS D 173 -5.35 4.72 13.15
N GLY D 174 -4.17 4.11 13.02
CA GLY D 174 -3.02 4.71 12.39
C GLY D 174 -2.20 3.67 11.65
N VAL D 175 -1.42 4.11 10.65
CA VAL D 175 -0.56 3.22 9.88
C VAL D 175 0.82 3.23 10.52
N ILE D 176 1.39 2.04 10.67
CA ILE D 176 2.69 1.79 11.29
C ILE D 176 3.71 1.72 10.16
N LYS D 177 4.64 2.70 10.12
CA LYS D 177 5.42 2.98 8.89
C LYS D 177 6.88 2.56 8.97
CU CU E . -1.66 3.03 -45.89
ZN ZN F . 0.25 -2.98 -44.37
CHA HEM G . -10.43 15.84 -27.07
CHB HEM G . -7.63 12.04 -26.47
CHC HEM G . -9.65 9.96 -30.33
CHD HEM G . -13.05 13.39 -30.30
C1A HEM G . -9.46 15.00 -26.63
C2A HEM G . -8.50 15.33 -25.62
C3A HEM G . -7.74 14.28 -25.45
C4A HEM G . -8.22 13.26 -26.37
CMA HEM G . -6.56 14.17 -24.50
CAA HEM G . -8.31 16.68 -24.87
CBA HEM G . -8.59 16.55 -23.37
CGA HEM G . -10.07 16.78 -23.19
O1A HEM G . -10.53 17.94 -23.36
O2A HEM G . -10.77 15.81 -22.89
C1B HEM G . -7.87 11.21 -27.51
C2B HEM G . -7.11 10.02 -27.81
C3B HEM G . -7.68 9.42 -28.84
C4B HEM G . -8.81 10.23 -29.27
CMB HEM G . -5.90 9.54 -26.98
CAB HEM G . -7.25 8.13 -29.57
CBB HEM G . -6.47 7.29 -28.92
C1C HEM G . -10.77 10.69 -30.66
C2C HEM G . -11.71 10.40 -31.72
C3C HEM G . -12.61 11.39 -31.72
C4C HEM G . -12.35 12.27 -30.64
CMC HEM G . -11.50 9.26 -32.70
CAC HEM G . -13.82 11.59 -32.67
CBC HEM G . -13.64 11.66 -33.99
C1D HEM G . -12.68 14.37 -29.45
C2D HEM G . -13.36 15.63 -29.18
C3D HEM G . -12.53 16.35 -28.15
C4D HEM G . -11.40 15.48 -27.91
CMD HEM G . -14.71 16.15 -29.72
CAD HEM G . -12.84 17.71 -27.50
CBD HEM G . -11.92 18.84 -27.96
CGD HEM G . -12.77 20.02 -28.30
O1D HEM G . -13.54 20.48 -27.40
O2D HEM G . -12.71 20.48 -29.48
NA HEM G . -9.30 13.70 -27.10
NB HEM G . -8.88 11.28 -28.41
NC HEM G . -11.19 11.80 -30.05
ND HEM G . -11.54 14.36 -28.70
FE HEM G . -10.20 12.79 -28.59
CU CU H . 6.76 6.40 -14.95
ZN ZN I . 12.35 7.66 -17.98
CU CU J . 1.27 -2.86 46.05
ZN ZN K . 6.77 -1.67 42.81
CHA HEM L . -16.14 7.24 35.38
CHB HEM L . -13.39 3.30 35.46
CHC HEM L . -15.71 1.61 31.54
CHD HEM L . -18.91 5.21 31.94
C1A HEM L . -15.13 6.38 35.67
C2A HEM L . -14.12 6.57 36.65
C3A HEM L . -13.37 5.46 36.69
C4A HEM L . -13.90 4.56 35.70
CMA HEM L . -12.15 5.24 37.61
CAA HEM L . -13.90 7.83 37.52
CBA HEM L . -14.51 7.74 38.89
CGA HEM L . -15.99 7.97 38.82
O1A HEM L . -16.43 9.10 38.41
O2A HEM L . -16.71 7.03 39.17
C1B HEM L . -13.71 2.52 34.41
C2B HEM L . -13.05 1.30 33.99
C3B HEM L . -13.70 0.83 32.91
C4B HEM L . -14.81 1.72 32.57
CMB HEM L . -11.81 0.70 34.72
CAB HEM L . -13.39 -0.40 32.04
CBB HEM L . -12.61 -1.40 32.45
C1C HEM L . -16.80 2.45 31.29
C2C HEM L . -17.75 2.33 30.22
C3C HEM L . -18.64 3.33 30.35
C4C HEM L . -18.24 4.10 31.49
CMC HEM L . -17.69 1.22 29.15
CAC HEM L . -19.87 3.67 29.44
CBC HEM L . -19.94 3.25 28.18
C1D HEM L . -18.48 6.03 32.91
C2D HEM L . -19.19 7.19 33.39
C3D HEM L . -18.36 7.81 34.46
C4D HEM L . -17.15 6.99 34.52
CMD HEM L . -20.54 7.67 32.90
CAD HEM L . -18.68 9.07 35.31
CBD HEM L . -17.85 10.28 34.87
CGD HEM L . -18.53 10.89 33.69
O1D HEM L . -19.67 11.41 33.88
O2D HEM L . -17.96 10.87 32.58
NA HEM L . -15.00 5.13 35.07
NB HEM L . -14.74 2.68 33.54
NC HEM L . -17.08 3.54 32.10
ND HEM L . -17.29 5.95 33.64
FE HEM L . -16.04 4.29 33.59
CU CU M . -8.71 -5.04 15.47
ZN ZN N . -6.72 -11.20 16.66
#